data_7CTO
#
_entry.id   7CTO
#
_cell.length_a   114.825
_cell.length_b   122.190
_cell.length_c   73.270
_cell.angle_alpha   90.000
_cell.angle_beta   90.000
_cell.angle_gamma   90.000
#
_symmetry.space_group_name_H-M   'P 21 21 2'
#
_entity_poly.entity_id   1
_entity_poly.type   'polypeptide(L)'
_entity_poly.pdbx_seq_one_letter_code
;MHHHHHHENLYFQGAASMLKKDKSELTDIEYIVTQENGTEPPFMNEYWNHFAKGIYVDKISGKPLFTSEEKFHSECGWPS
FSKALDDDEIIELVDKSFGMVRTEVRSEESNSHLGHVFNDGPKESGGLRYCINSAAIQFIPYEKLEELGYGDLISHFDK
;
_entity_poly.pdbx_strand_id   A,B,C,D,E,F
#
# COMPACT_ATOMS: atom_id res chain seq x y z
N LYS A 23 9.80 -18.38 -34.50
CA LYS A 23 8.76 -17.76 -35.42
C LYS A 23 7.66 -18.76 -35.82
N SER A 24 7.21 -19.59 -34.86
CA SER A 24 5.96 -20.42 -34.82
C SER A 24 6.28 -21.91 -35.07
N GLU A 25 7.47 -22.34 -34.63
CA GLU A 25 7.78 -23.73 -34.18
C GLU A 25 8.39 -23.64 -32.78
N LEU A 26 7.71 -22.91 -31.86
CA LEU A 26 8.28 -22.42 -30.58
C LEU A 26 7.60 -23.11 -29.40
N THR A 27 8.27 -23.11 -28.23
CA THR A 27 7.97 -24.01 -27.07
C THR A 27 6.45 -23.95 -26.86
N ASP A 28 5.86 -24.97 -26.24
CA ASP A 28 4.40 -24.96 -25.96
C ASP A 28 4.05 -23.64 -25.24
N ILE A 29 4.90 -23.19 -24.29
CA ILE A 29 4.70 -21.94 -23.49
C ILE A 29 5.06 -20.69 -24.30
N GLU A 30 6.00 -20.74 -25.24
CA GLU A 30 6.28 -19.58 -26.10
C GLU A 30 4.99 -19.28 -26.86
N TYR A 31 4.28 -20.35 -27.26
CA TYR A 31 3.08 -20.34 -28.12
C TYR A 31 1.86 -20.01 -27.23
N ILE A 32 1.57 -20.82 -26.20
CA ILE A 32 0.50 -20.58 -25.17
C ILE A 32 0.38 -19.07 -24.86
N VAL A 33 1.49 -18.39 -24.53
CA VAL A 33 1.53 -16.95 -24.08
C VAL A 33 1.19 -16.08 -25.28
N THR A 34 2.12 -15.97 -26.24
CA THR A 34 1.95 -15.13 -27.43
C THR A 34 0.54 -15.41 -27.97
N GLN A 35 0.25 -16.66 -28.33
CA GLN A 35 -0.91 -17.04 -29.21
C GLN A 35 -2.19 -17.20 -28.39
N GLU A 36 -2.17 -18.00 -27.32
CA GLU A 36 -3.38 -18.36 -26.51
C GLU A 36 -3.57 -17.41 -25.30
N ASN A 37 -2.91 -16.23 -25.26
CA ASN A 37 -3.05 -15.22 -24.17
C ASN A 37 -2.68 -15.83 -22.80
N GLY A 38 -1.61 -16.62 -22.73
CA GLY A 38 -1.15 -17.29 -21.49
C GLY A 38 -0.22 -16.42 -20.66
N THR A 39 0.08 -16.85 -19.43
CA THR A 39 1.04 -16.18 -18.52
C THR A 39 1.99 -17.23 -17.91
N GLU A 40 3.31 -17.01 -18.10
CA GLU A 40 4.40 -17.94 -17.69
C GLU A 40 4.52 -17.86 -16.18
N PRO A 41 5.03 -18.91 -15.52
CA PRO A 41 5.21 -18.83 -14.07
C PRO A 41 6.10 -17.65 -13.76
N PRO A 42 6.02 -17.04 -12.55
CA PRO A 42 6.92 -15.97 -12.15
C PRO A 42 8.26 -16.56 -11.71
N PHE A 43 9.36 -15.88 -12.04
CA PHE A 43 10.74 -16.20 -11.57
C PHE A 43 11.31 -17.39 -12.36
N MET A 44 10.54 -18.46 -12.48
CA MET A 44 10.74 -19.51 -13.49
C MET A 44 10.43 -18.92 -14.87
N ASN A 45 11.17 -17.89 -15.31
CA ASN A 45 11.13 -17.34 -16.69
C ASN A 45 12.50 -16.71 -17.03
N GLU A 46 12.79 -16.53 -18.33
CA GLU A 46 14.15 -16.23 -18.83
C GLU A 46 14.56 -14.82 -18.41
N TYR A 47 13.97 -13.80 -19.04
CA TYR A 47 14.43 -12.40 -18.99
C TYR A 47 13.98 -11.71 -17.67
N TRP A 48 13.56 -12.49 -16.66
CA TRP A 48 13.25 -11.96 -15.31
C TRP A 48 14.47 -11.16 -14.81
N ASN A 49 15.56 -11.85 -14.47
CA ASN A 49 16.72 -11.32 -13.69
C ASN A 49 17.80 -10.81 -14.65
N HIS A 50 17.71 -11.20 -15.94
CA HIS A 50 18.53 -10.77 -17.09
C HIS A 50 18.56 -9.25 -17.20
N PHE A 51 19.75 -8.65 -17.32
CA PHE A 51 19.96 -7.17 -17.37
C PHE A 51 21.07 -6.82 -18.37
N ALA A 52 21.38 -7.74 -19.30
CA ALA A 52 22.41 -7.57 -20.34
C ALA A 52 22.03 -6.39 -21.24
N LYS A 53 23.02 -5.74 -21.88
CA LYS A 53 22.78 -4.56 -22.76
C LYS A 53 22.66 -5.03 -24.22
N GLY A 54 21.49 -4.75 -24.79
CA GLY A 54 20.96 -5.20 -26.09
C GLY A 54 19.46 -4.95 -26.10
N ILE A 55 18.71 -5.44 -27.10
CA ILE A 55 17.24 -5.19 -27.18
C ILE A 55 16.46 -6.50 -26.98
N TYR A 56 15.19 -6.36 -26.64
CA TYR A 56 14.20 -7.46 -26.56
C TYR A 56 13.15 -7.26 -27.68
N VAL A 57 12.90 -8.36 -28.40
CA VAL A 57 12.11 -8.40 -29.67
C VAL A 57 11.00 -9.43 -29.53
N ASP A 58 9.88 -9.19 -30.23
CA ASP A 58 8.75 -10.13 -30.37
C ASP A 58 9.29 -11.50 -30.85
N LYS A 59 9.22 -12.54 -30.02
CA LYS A 59 9.69 -13.94 -30.31
C LYS A 59 9.19 -14.39 -31.70
N ILE A 60 8.04 -13.88 -32.14
CA ILE A 60 7.39 -14.16 -33.46
C ILE A 60 7.89 -13.13 -34.50
N SER A 61 7.42 -11.88 -34.45
CA SER A 61 7.67 -10.83 -35.47
C SER A 61 9.17 -10.58 -35.60
N GLY A 62 9.90 -10.60 -34.48
CA GLY A 62 11.28 -10.11 -34.40
C GLY A 62 11.29 -8.59 -34.27
N LYS A 63 10.14 -7.94 -34.40
CA LYS A 63 10.07 -6.45 -34.36
C LYS A 63 10.39 -6.00 -32.94
N PRO A 64 11.41 -5.11 -32.76
CA PRO A 64 11.82 -4.59 -31.44
C PRO A 64 10.70 -3.93 -30.64
N LEU A 65 10.49 -4.38 -29.40
CA LEU A 65 9.40 -3.94 -28.48
C LEU A 65 9.98 -3.17 -27.28
N PHE A 66 11.18 -3.53 -26.82
CA PHE A 66 11.89 -2.85 -25.71
C PHE A 66 13.41 -2.94 -25.88
N THR A 67 14.11 -2.08 -25.15
CA THR A 67 15.57 -2.01 -25.05
C THR A 67 15.97 -2.64 -23.71
N SER A 68 17.24 -2.50 -23.28
CA SER A 68 17.82 -3.01 -22.01
C SER A 68 17.96 -1.91 -20.96
N GLU A 69 18.16 -0.65 -21.38
CA GLU A 69 18.39 0.50 -20.46
C GLU A 69 17.08 0.90 -19.80
N GLU A 70 15.94 0.45 -20.36
CA GLU A 70 14.59 0.85 -19.87
C GLU A 70 13.93 -0.32 -19.11
N LYS A 71 14.74 -1.14 -18.43
CA LYS A 71 14.28 -2.30 -17.61
C LYS A 71 14.62 -2.07 -16.13
N PHE A 72 13.97 -2.77 -15.19
CA PHE A 72 14.28 -2.68 -13.75
C PHE A 72 13.77 -3.89 -12.96
N HIS A 73 14.23 -3.93 -11.70
CA HIS A 73 13.89 -4.92 -10.65
C HIS A 73 12.58 -4.49 -10.01
N SER A 74 11.56 -5.34 -10.14
CA SER A 74 10.20 -5.14 -9.59
C SER A 74 9.86 -6.32 -8.67
N GLU A 75 10.84 -7.19 -8.39
CA GLU A 75 10.64 -8.44 -7.60
C GLU A 75 9.19 -8.92 -7.78
N CYS A 76 8.69 -8.87 -9.02
CA CYS A 76 7.28 -9.15 -9.39
C CYS A 76 7.15 -10.52 -10.02
N GLY A 77 8.23 -11.02 -10.64
CA GLY A 77 8.35 -12.39 -11.18
C GLY A 77 8.57 -12.44 -12.70
N TRP A 78 8.49 -11.28 -13.37
CA TRP A 78 8.52 -11.12 -14.85
C TRP A 78 9.28 -9.86 -15.21
N PRO A 79 9.99 -9.87 -16.36
CA PRO A 79 10.69 -8.68 -16.86
C PRO A 79 9.77 -7.48 -16.70
N SER A 80 10.19 -6.44 -15.99
CA SER A 80 9.38 -5.20 -15.90
C SER A 80 10.16 -4.07 -16.59
N PHE A 81 9.48 -3.17 -17.34
CA PHE A 81 10.09 -2.00 -18.03
C PHE A 81 9.27 -0.74 -17.73
N SER A 82 9.92 0.43 -17.76
CA SER A 82 9.39 1.75 -17.31
C SER A 82 8.61 2.47 -18.44
N LYS A 83 9.05 2.33 -19.70
CA LYS A 83 8.21 2.55 -20.92
C LYS A 83 8.53 1.48 -21.98
N ALA A 84 7.88 1.59 -23.14
CA ALA A 84 8.09 0.71 -24.32
C ALA A 84 9.14 1.35 -25.23
N LEU A 85 9.86 0.56 -26.03
CA LEU A 85 10.84 1.14 -27.00
C LEU A 85 10.12 2.21 -27.84
N ASP A 86 9.05 1.84 -28.54
CA ASP A 86 8.31 2.69 -29.53
C ASP A 86 6.82 2.75 -29.14
N ASP A 87 6.40 3.72 -28.32
CA ASP A 87 4.98 3.86 -27.86
C ASP A 87 4.05 3.48 -29.01
N ASP A 88 4.31 4.01 -30.21
CA ASP A 88 3.58 3.69 -31.47
C ASP A 88 4.01 2.30 -31.96
N GLU A 89 4.01 1.28 -31.08
CA GLU A 89 4.49 -0.08 -31.47
C GLU A 89 4.03 -1.15 -30.48
N ILE A 90 3.15 -0.85 -29.50
CA ILE A 90 2.37 -1.86 -28.72
C ILE A 90 0.92 -1.38 -28.63
N ILE A 91 -0.02 -2.27 -28.92
CA ILE A 91 -1.48 -2.01 -28.77
C ILE A 91 -1.85 -2.42 -27.34
N GLU A 92 -2.46 -1.48 -26.60
CA GLU A 92 -2.91 -1.70 -25.22
C GLU A 92 -4.43 -1.84 -25.23
N LEU A 93 -4.90 -2.96 -24.72
CA LEU A 93 -6.35 -3.29 -24.67
C LEU A 93 -6.79 -3.24 -23.21
N VAL A 94 -8.06 -2.98 -22.96
CA VAL A 94 -8.74 -3.25 -21.66
C VAL A 94 -8.85 -4.77 -21.51
N ASP A 95 -8.68 -5.30 -20.30
CA ASP A 95 -8.68 -6.75 -20.02
C ASP A 95 -9.60 -7.02 -18.82
N LYS A 96 -10.84 -7.45 -19.14
CA LYS A 96 -11.94 -7.83 -18.22
C LYS A 96 -11.68 -9.21 -17.60
N SER A 97 -10.67 -9.96 -18.09
CA SER A 97 -10.21 -11.27 -17.57
C SER A 97 -10.29 -11.36 -16.04
N PHE A 98 -10.81 -12.48 -15.54
CA PHE A 98 -10.59 -13.01 -14.15
C PHE A 98 -11.18 -12.04 -13.12
N GLY A 99 -12.46 -11.69 -13.32
CA GLY A 99 -13.22 -10.68 -12.56
C GLY A 99 -12.40 -9.44 -12.24
N MET A 100 -11.72 -8.87 -13.23
CA MET A 100 -10.87 -7.66 -13.06
C MET A 100 -11.02 -6.73 -14.28
N VAL A 101 -10.78 -5.43 -14.11
CA VAL A 101 -10.38 -4.50 -15.22
C VAL A 101 -8.86 -4.66 -15.42
N ARG A 102 -8.24 -3.92 -16.35
CA ARG A 102 -6.76 -3.98 -16.59
C ARG A 102 -6.38 -3.47 -18.00
N THR A 103 -5.09 -3.22 -18.23
CA THR A 103 -4.54 -2.84 -19.56
C THR A 103 -3.58 -3.92 -20.10
N GLU A 104 -4.07 -4.84 -20.94
CA GLU A 104 -3.25 -5.80 -21.72
C GLU A 104 -2.30 -5.02 -22.63
N VAL A 105 -1.13 -5.62 -22.94
CA VAL A 105 -0.05 -5.08 -23.84
C VAL A 105 0.27 -6.15 -24.89
N ARG A 106 -0.01 -5.90 -26.17
CA ARG A 106 0.17 -6.92 -27.24
C ARG A 106 0.98 -6.31 -28.36
N SER A 107 1.49 -7.20 -29.21
CA SER A 107 2.29 -6.85 -30.39
C SER A 107 1.35 -6.43 -31.52
N GLU A 108 1.16 -5.11 -31.72
CA GLU A 108 0.69 -4.52 -33.00
C GLU A 108 1.10 -5.44 -34.16
N GLU A 109 2.41 -5.61 -34.35
CA GLU A 109 3.01 -6.31 -35.52
C GLU A 109 2.55 -7.78 -35.57
N SER A 110 2.85 -8.57 -34.54
CA SER A 110 2.61 -10.05 -34.49
C SER A 110 1.22 -10.37 -33.92
N ASN A 111 0.53 -9.33 -33.43
CA ASN A 111 -0.71 -9.37 -32.63
C ASN A 111 -0.68 -10.46 -31.57
N SER A 112 0.46 -10.73 -30.93
CA SER A 112 0.63 -11.75 -29.86
C SER A 112 0.75 -11.06 -28.49
N HIS A 113 0.45 -11.82 -27.43
CA HIS A 113 0.29 -11.37 -26.01
C HIS A 113 1.66 -11.12 -25.40
N LEU A 114 1.88 -9.92 -24.83
CA LEU A 114 3.08 -9.60 -24.00
C LEU A 114 2.72 -9.71 -22.51
N GLY A 115 1.49 -9.34 -22.13
CA GLY A 115 1.03 -9.12 -20.74
C GLY A 115 0.56 -7.68 -20.56
N HIS A 116 0.53 -7.20 -19.32
CA HIS A 116 -0.16 -5.94 -18.93
C HIS A 116 0.80 -4.84 -18.45
N VAL A 117 0.26 -3.61 -18.35
CA VAL A 117 0.89 -2.34 -17.83
C VAL A 117 0.12 -1.80 -16.60
N PHE A 118 0.85 -1.17 -15.67
CA PHE A 118 0.38 -0.73 -14.33
C PHE A 118 1.02 0.61 -13.94
N ASN A 119 0.42 1.34 -12.99
CA ASN A 119 0.82 2.74 -12.68
C ASN A 119 1.76 2.79 -11.47
N ASP A 120 2.17 1.62 -11.00
CA ASP A 120 2.96 1.47 -9.76
C ASP A 120 4.47 1.49 -10.06
N GLY A 121 4.92 1.93 -11.25
CA GLY A 121 6.35 1.86 -11.64
C GLY A 121 7.24 2.76 -10.79
N PRO A 122 8.58 2.78 -11.00
CA PRO A 122 9.40 3.88 -10.47
C PRO A 122 8.81 5.23 -10.90
N LYS A 123 8.68 6.15 -9.93
CA LYS A 123 7.91 7.41 -10.05
C LYS A 123 8.67 8.47 -10.84
N GLU A 124 9.95 8.24 -11.14
CA GLU A 124 10.85 9.23 -11.78
C GLU A 124 11.44 8.61 -13.06
N SER A 125 10.74 7.64 -13.67
CA SER A 125 10.96 7.14 -15.06
C SER A 125 9.68 7.40 -15.88
N GLY A 126 8.68 6.51 -15.77
CA GLY A 126 7.35 6.68 -16.36
C GLY A 126 6.25 6.62 -15.32
N GLY A 127 6.50 5.98 -14.16
CA GLY A 127 5.44 5.59 -13.22
C GLY A 127 4.49 4.56 -13.82
N LEU A 128 4.88 4.01 -14.98
CA LEU A 128 4.20 2.90 -15.70
C LEU A 128 5.06 1.65 -15.50
N ARG A 129 4.42 0.50 -15.33
CA ARG A 129 5.11 -0.80 -15.15
C ARG A 129 4.68 -1.76 -16.26
N TYR A 130 5.52 -1.98 -17.29
CA TYR A 130 5.20 -2.86 -18.46
C TYR A 130 5.60 -4.32 -18.12
N CYS A 131 4.87 -4.95 -17.19
CA CYS A 131 5.13 -6.35 -16.74
C CYS A 131 4.93 -7.35 -17.90
N ILE A 132 6.00 -7.61 -18.69
CA ILE A 132 6.00 -8.41 -19.96
C ILE A 132 6.43 -9.86 -19.74
N ASN A 133 5.73 -10.82 -20.38
CA ASN A 133 6.05 -12.28 -20.36
C ASN A 133 7.30 -12.50 -21.21
N SER A 134 8.23 -13.38 -20.77
CA SER A 134 9.54 -13.63 -21.44
C SER A 134 9.40 -14.61 -22.61
N ALA A 135 8.39 -15.50 -22.56
CA ALA A 135 8.02 -16.43 -23.66
C ALA A 135 7.45 -15.66 -24.89
N ALA A 136 7.36 -14.33 -24.83
CA ALA A 136 6.97 -13.45 -25.97
C ALA A 136 8.13 -12.51 -26.29
N ILE A 137 9.31 -12.73 -25.70
CA ILE A 137 10.53 -11.94 -26.05
C ILE A 137 11.75 -12.86 -26.25
N GLN A 138 12.55 -12.55 -27.28
CA GLN A 138 13.94 -13.03 -27.44
C GLN A 138 14.88 -11.82 -27.23
N PHE A 139 15.77 -11.88 -26.25
CA PHE A 139 16.81 -10.84 -26.09
C PHE A 139 17.68 -10.88 -27.34
N ILE A 140 18.24 -9.74 -27.72
CA ILE A 140 19.36 -9.64 -28.69
C ILE A 140 20.44 -8.78 -28.04
N PRO A 141 21.68 -9.30 -27.89
CA PRO A 141 22.77 -8.53 -27.29
C PRO A 141 23.21 -7.31 -28.11
N TYR A 142 23.62 -6.23 -27.43
CA TYR A 142 24.08 -4.94 -28.01
C TYR A 142 25.17 -5.16 -29.07
N GLU A 143 26.02 -6.16 -28.83
CA GLU A 143 27.24 -6.44 -29.63
C GLU A 143 26.91 -7.15 -30.95
N LYS A 144 25.72 -7.73 -31.10
CA LYS A 144 25.29 -8.42 -32.35
C LYS A 144 24.09 -7.70 -33.00
N LEU A 145 24.09 -6.36 -32.98
CA LEU A 145 22.93 -5.56 -33.42
C LEU A 145 23.20 -5.03 -34.83
N GLU A 146 24.26 -4.26 -35.01
CA GLU A 146 24.72 -3.81 -36.36
C GLU A 146 25.19 -5.02 -37.16
N GLU A 147 24.77 -6.25 -36.77
CA GLU A 147 25.07 -7.56 -37.43
C GLU A 147 23.79 -8.28 -37.83
N LEU A 148 22.72 -8.27 -37.03
CA LEU A 148 21.44 -8.99 -37.33
C LEU A 148 20.35 -8.02 -37.86
N GLY A 149 20.76 -6.83 -38.32
CA GLY A 149 19.91 -5.91 -39.09
C GLY A 149 18.92 -5.15 -38.21
N TYR A 150 19.32 -4.83 -36.98
CA TYR A 150 18.65 -3.78 -36.16
C TYR A 150 19.60 -2.57 -36.03
N GLY A 151 20.89 -2.76 -36.34
CA GLY A 151 21.97 -1.76 -36.18
C GLY A 151 21.46 -0.37 -35.82
N ASP A 152 20.53 0.16 -36.64
CA ASP A 152 19.87 1.48 -36.44
C ASP A 152 19.75 1.74 -34.94
N LEU A 153 19.03 0.83 -34.26
CA LEU A 153 18.90 0.80 -32.79
C LEU A 153 20.31 0.83 -32.17
N ILE A 154 20.94 1.99 -32.16
CA ILE A 154 22.01 2.37 -31.18
C ILE A 154 21.65 3.76 -30.66
N SER A 155 21.26 3.79 -29.38
CA SER A 155 20.78 4.95 -28.58
C SER A 155 21.97 5.54 -27.80
N HIS A 156 21.87 5.54 -26.48
CA HIS A 156 23.05 5.57 -25.57
C HIS A 156 24.13 6.50 -26.16
N LYS B 20 27.91 -11.97 34.18
CA LYS B 20 28.30 -12.24 32.76
C LYS B 20 27.68 -11.19 31.84
N LYS B 21 28.49 -10.61 30.92
CA LYS B 21 28.16 -9.50 29.96
C LYS B 21 26.64 -9.30 29.85
N ASP B 22 25.91 -10.40 29.63
CA ASP B 22 24.45 -10.43 29.45
C ASP B 22 23.74 -10.26 30.80
N LYS B 23 24.09 -11.10 31.77
CA LYS B 23 23.63 -10.98 33.17
C LYS B 23 23.99 -9.57 33.65
N SER B 24 25.29 -9.27 33.80
CA SER B 24 25.82 -7.97 34.31
C SER B 24 25.14 -6.80 33.59
N GLU B 25 25.41 -6.63 32.29
CA GLU B 25 24.94 -5.47 31.47
C GLU B 25 23.50 -5.72 31.03
N LEU B 26 23.12 -5.16 29.87
CA LEU B 26 21.81 -5.28 29.18
C LEU B 26 20.77 -4.39 29.88
N THR B 27 20.88 -3.08 29.63
CA THR B 27 20.00 -2.01 30.17
C THR B 27 18.86 -2.70 30.94
N ASP B 28 18.03 -3.45 30.22
CA ASP B 28 16.69 -3.86 30.70
C ASP B 28 15.96 -4.36 29.45
N ILE B 29 15.24 -3.44 28.78
CA ILE B 29 14.88 -3.51 27.34
C ILE B 29 15.92 -4.38 26.63
N GLU B 30 17.22 -4.08 26.81
CA GLU B 30 18.35 -4.82 26.18
C GLU B 30 18.14 -6.31 26.46
N TYR B 31 17.89 -6.65 27.71
CA TYR B 31 17.58 -8.05 28.13
C TYR B 31 16.34 -8.53 27.34
N ILE B 32 15.20 -7.89 27.55
CA ILE B 32 13.88 -8.21 26.92
C ILE B 32 13.99 -8.43 25.40
N VAL B 33 14.78 -7.58 24.73
CA VAL B 33 14.83 -7.47 23.25
C VAL B 33 15.61 -8.65 22.70
N THR B 34 16.85 -8.80 23.17
CA THR B 34 17.78 -9.91 22.81
C THR B 34 17.20 -11.23 23.32
N GLN B 35 16.94 -11.32 24.63
CA GLN B 35 16.70 -12.58 25.35
C GLN B 35 15.28 -13.09 25.10
N GLU B 36 14.26 -12.31 25.50
CA GLU B 36 12.82 -12.70 25.58
C GLU B 36 12.07 -12.46 24.25
N ASN B 37 12.79 -11.96 23.24
CA ASN B 37 12.27 -11.67 21.87
C ASN B 37 11.34 -10.48 22.01
N GLY B 38 11.81 -9.48 22.76
CA GLY B 38 11.18 -8.15 22.86
C GLY B 38 11.46 -7.27 21.64
N THR B 39 10.50 -6.39 21.32
CA THR B 39 10.71 -5.18 20.50
C THR B 39 10.90 -4.00 21.44
N GLU B 40 11.43 -2.90 20.92
CA GLU B 40 11.71 -1.68 21.71
C GLU B 40 10.77 -0.61 21.19
N PRO B 41 10.55 0.48 21.93
CA PRO B 41 9.60 1.51 21.49
C PRO B 41 10.25 2.21 20.30
N PRO B 42 9.50 2.47 19.21
CA PRO B 42 10.02 3.18 18.05
C PRO B 42 10.33 4.67 18.30
N PHE B 43 11.17 5.24 17.43
CA PHE B 43 11.57 6.66 17.47
C PHE B 43 12.16 7.01 18.84
N MET B 44 12.21 6.01 19.70
CA MET B 44 12.79 6.19 21.06
C MET B 44 14.10 5.38 21.15
N ASN B 45 14.51 4.73 20.05
CA ASN B 45 15.78 3.97 20.05
C ASN B 45 16.94 4.93 19.83
N GLU B 46 18.16 4.45 20.03
CA GLU B 46 19.34 5.32 19.88
C GLU B 46 19.85 5.23 18.45
N TYR B 47 19.25 4.39 17.61
CA TYR B 47 19.84 4.20 16.27
C TYR B 47 18.88 4.49 15.11
N TRP B 48 17.60 4.76 15.39
CA TRP B 48 16.57 5.09 14.38
C TRP B 48 17.16 6.08 13.35
N ASN B 49 17.68 7.21 13.81
CA ASN B 49 18.10 8.33 12.92
C ASN B 49 19.61 8.49 13.03
N HIS B 50 20.33 7.37 13.07
CA HIS B 50 21.79 7.30 13.24
C HIS B 50 22.44 6.89 11.91
N PHE B 51 23.08 7.82 11.24
CA PHE B 51 23.69 7.57 9.91
C PHE B 51 25.16 7.93 9.97
N ALA B 52 25.70 7.82 11.18
CA ALA B 52 27.13 7.93 11.52
C ALA B 52 27.90 6.86 10.77
N LYS B 53 29.11 7.22 10.37
CA LYS B 53 30.05 6.37 9.59
C LYS B 53 30.76 5.44 10.57
N GLY B 54 30.52 4.14 10.42
CA GLY B 54 31.00 3.10 11.35
C GLY B 54 30.23 1.80 11.20
N ILE B 55 30.53 0.84 12.07
CA ILE B 55 29.92 -0.51 12.08
C ILE B 55 29.04 -0.60 13.32
N TYR B 56 28.06 -1.51 13.25
CA TYR B 56 27.07 -1.88 14.29
C TYR B 56 27.32 -3.34 14.62
N VAL B 57 27.79 -3.65 15.83
CA VAL B 57 28.19 -5.03 16.25
C VAL B 57 27.11 -5.60 17.19
N ASP B 58 27.17 -6.90 17.50
CA ASP B 58 26.15 -7.55 18.37
C ASP B 58 26.40 -7.07 19.79
N LYS B 59 25.35 -6.73 20.53
CA LYS B 59 25.42 -6.13 21.89
C LYS B 59 26.11 -7.13 22.84
N ILE B 60 25.93 -8.43 22.60
CA ILE B 60 26.20 -9.53 23.57
C ILE B 60 27.50 -10.24 23.22
N SER B 61 27.79 -10.39 21.92
CA SER B 61 28.97 -11.10 21.37
C SER B 61 29.87 -10.17 20.54
N GLY B 62 29.66 -8.86 20.61
CA GLY B 62 30.43 -7.86 19.86
C GLY B 62 30.71 -8.24 18.41
N LYS B 63 29.95 -9.17 17.80
CA LYS B 63 30.25 -9.64 16.43
C LYS B 63 29.68 -8.62 15.44
N PRO B 64 30.41 -8.23 14.36
CA PRO B 64 29.88 -7.34 13.33
C PRO B 64 28.53 -7.79 12.75
N LEU B 65 27.58 -6.86 12.61
CA LEU B 65 26.22 -7.14 12.08
C LEU B 65 25.85 -6.19 10.94
N PHE B 66 26.18 -4.89 11.01
CA PHE B 66 25.77 -3.94 9.94
C PHE B 66 26.83 -2.86 9.73
N THR B 67 26.84 -2.33 8.53
CA THR B 67 27.69 -1.23 8.03
C THR B 67 26.72 -0.05 7.88
N SER B 68 27.03 1.11 8.45
CA SER B 68 26.25 2.34 8.17
C SER B 68 26.10 2.39 6.65
N GLU B 69 27.17 2.04 5.93
CA GLU B 69 27.22 2.12 4.45
C GLU B 69 25.94 1.48 3.90
N GLU B 70 25.35 0.52 4.62
CA GLU B 70 24.20 -0.30 4.13
C GLU B 70 22.89 -0.01 4.90
N LYS B 71 22.85 1.06 5.71
CA LYS B 71 21.69 1.45 6.56
C LYS B 71 20.87 2.46 5.77
N PHE B 72 19.63 2.76 6.15
CA PHE B 72 18.80 3.82 5.51
C PHE B 72 17.63 4.24 6.40
N HIS B 73 17.00 5.37 6.01
CA HIS B 73 15.76 5.93 6.60
C HIS B 73 14.61 5.12 6.08
N SER B 74 13.86 4.48 6.97
CA SER B 74 12.74 3.57 6.63
C SER B 74 11.43 4.23 7.05
N GLU B 75 11.52 5.25 7.92
CA GLU B 75 10.36 5.91 8.57
C GLU B 75 9.59 4.92 9.46
N CYS B 76 10.10 3.68 9.60
CA CYS B 76 9.59 2.61 10.50
C CYS B 76 9.97 2.90 11.95
N GLY B 77 10.89 3.84 12.16
CA GLY B 77 11.32 4.25 13.51
C GLY B 77 12.12 3.17 14.19
N TRP B 78 12.66 2.20 13.42
CA TRP B 78 13.75 1.28 13.83
C TRP B 78 14.90 1.36 12.83
N PRO B 79 16.13 1.13 13.30
CA PRO B 79 17.28 0.99 12.41
C PRO B 79 16.91 0.02 11.29
N SER B 80 17.05 0.50 10.06
CA SER B 80 16.78 -0.33 8.86
C SER B 80 18.00 -0.33 7.92
N PHE B 81 18.34 -1.52 7.40
CA PHE B 81 19.57 -1.84 6.63
C PHE B 81 19.16 -2.54 5.34
N SER B 82 19.89 -2.23 4.26
CA SER B 82 19.84 -2.80 2.89
C SER B 82 19.95 -4.31 2.97
N LYS B 83 20.92 -4.78 3.73
CA LYS B 83 21.15 -6.23 3.84
C LYS B 83 22.14 -6.39 4.96
N ALA B 84 22.09 -7.50 5.71
CA ALA B 84 23.10 -7.70 6.77
C ALA B 84 24.48 -7.78 6.15
N LEU B 85 24.56 -7.63 4.82
CA LEU B 85 25.81 -7.70 3.98
C LEU B 85 26.84 -8.66 4.57
N ASP B 86 27.47 -8.24 5.67
CA ASP B 86 28.55 -9.01 6.36
C ASP B 86 28.18 -10.49 6.48
N ASP B 87 28.88 -11.31 5.69
CA ASP B 87 28.66 -12.77 5.64
C ASP B 87 27.16 -13.03 5.52
N ASP B 88 26.61 -13.49 6.63
CA ASP B 88 25.22 -13.90 6.93
C ASP B 88 25.43 -14.75 8.18
N GLU B 89 26.08 -14.16 9.17
CA GLU B 89 26.39 -14.82 10.46
C GLU B 89 25.36 -14.43 11.53
N ILE B 90 24.16 -14.12 11.04
CA ILE B 90 22.91 -13.81 11.77
C ILE B 90 21.95 -14.85 11.19
N ILE B 91 21.31 -15.64 12.03
CA ILE B 91 20.44 -16.71 11.50
C ILE B 91 19.05 -16.11 11.24
N GLU B 92 18.28 -16.78 10.37
CA GLU B 92 16.94 -16.33 9.91
C GLU B 92 15.90 -17.43 10.14
N LEU B 93 14.97 -17.18 11.04
CA LEU B 93 13.93 -18.17 11.42
C LEU B 93 12.56 -17.73 10.95
N VAL B 94 11.64 -18.68 10.90
CA VAL B 94 10.19 -18.38 10.79
C VAL B 94 9.74 -17.74 12.09
N ASP B 95 8.63 -17.03 12.07
CA ASP B 95 7.98 -16.47 13.29
C ASP B 95 6.50 -16.35 12.96
N LYS B 96 5.68 -17.08 13.71
CA LYS B 96 4.21 -17.08 13.59
C LYS B 96 3.64 -16.42 14.85
N SER B 97 4.44 -15.57 15.53
CA SER B 97 3.98 -14.70 16.65
C SER B 97 2.80 -13.85 16.17
N PHE B 98 1.69 -13.86 16.92
CA PHE B 98 0.55 -12.92 16.82
C PHE B 98 -0.15 -13.04 15.44
N GLY B 99 -0.46 -14.26 15.02
CA GLY B 99 -1.31 -14.58 13.84
C GLY B 99 -0.68 -14.18 12.52
N MET B 100 0.65 -14.06 12.47
CA MET B 100 1.39 -13.47 11.34
C MET B 100 2.42 -14.46 10.82
N VAL B 101 3.13 -14.07 9.76
CA VAL B 101 4.22 -14.86 9.15
C VAL B 101 5.35 -13.89 8.87
N ARG B 102 6.32 -13.84 9.80
CA ARG B 102 7.50 -12.95 9.74
C ARG B 102 8.77 -13.80 9.78
N THR B 103 9.91 -13.22 9.36
CA THR B 103 11.25 -13.86 9.30
C THR B 103 12.15 -13.33 10.43
N GLU B 104 12.06 -13.92 11.63
CA GLU B 104 12.81 -13.49 12.84
C GLU B 104 14.31 -13.58 12.54
N VAL B 105 15.00 -12.48 12.84
CA VAL B 105 16.47 -12.32 12.72
C VAL B 105 17.07 -12.42 14.13
N ARG B 106 18.11 -13.25 14.27
CA ARG B 106 18.87 -13.45 15.53
C ARG B 106 20.36 -13.47 15.17
N SER B 107 21.25 -13.08 16.08
CA SER B 107 22.71 -13.15 15.86
C SER B 107 23.05 -14.63 15.74
N GLU B 108 23.98 -15.04 14.86
CA GLU B 108 24.40 -16.45 14.88
C GLU B 108 25.12 -16.63 16.21
N GLU B 109 26.24 -15.92 16.34
CA GLU B 109 27.21 -16.06 17.46
C GLU B 109 26.43 -16.03 18.79
N SER B 110 26.10 -14.83 19.25
CA SER B 110 25.36 -14.55 20.50
C SER B 110 24.08 -15.38 20.59
N ASN B 111 23.35 -15.52 19.49
CA ASN B 111 21.93 -15.95 19.52
C ASN B 111 21.22 -15.09 20.57
N SER B 112 21.30 -13.77 20.39
CA SER B 112 20.27 -12.82 20.88
C SER B 112 19.34 -12.53 19.70
N HIS B 113 18.10 -12.13 20.00
CA HIS B 113 17.07 -11.70 19.02
C HIS B 113 17.43 -10.29 18.55
N LEU B 114 17.68 -10.14 17.25
CA LEU B 114 17.93 -8.84 16.60
C LEU B 114 16.61 -8.13 16.26
N GLY B 115 15.73 -8.82 15.52
CA GLY B 115 14.48 -8.24 14.99
C GLY B 115 13.90 -9.05 13.84
N HIS B 116 13.67 -8.42 12.69
CA HIS B 116 13.03 -9.07 11.51
C HIS B 116 13.60 -8.53 10.19
N VAL B 117 13.07 -9.04 9.08
CA VAL B 117 13.51 -8.64 7.72
C VAL B 117 12.34 -8.85 6.74
N PHE B 118 12.23 -7.97 5.73
CA PHE B 118 11.11 -7.87 4.75
C PHE B 118 11.64 -7.65 3.34
N ASN B 119 10.77 -7.61 2.32
CA ASN B 119 11.15 -7.36 0.89
C ASN B 119 10.54 -6.04 0.38
N ASP B 120 10.10 -5.18 1.30
CA ASP B 120 9.66 -3.79 1.04
C ASP B 120 10.85 -2.84 1.25
N GLY B 121 11.91 -3.00 0.46
CA GLY B 121 13.14 -2.20 0.65
C GLY B 121 13.35 -1.21 -0.48
N PRO B 122 14.45 -0.44 -0.45
CA PRO B 122 14.87 0.32 -1.62
C PRO B 122 15.29 -0.79 -2.59
N LYS B 123 14.72 -0.78 -3.80
CA LYS B 123 14.88 -1.89 -4.78
C LYS B 123 16.28 -1.86 -5.42
N GLU B 124 17.17 -0.95 -4.99
CA GLU B 124 18.52 -0.73 -5.57
C GLU B 124 19.62 -1.35 -4.69
N SER B 125 19.40 -1.43 -3.37
CA SER B 125 20.38 -1.98 -2.39
C SER B 125 20.19 -3.50 -2.30
N GLY B 126 19.14 -4.03 -2.95
CA GLY B 126 18.69 -5.43 -2.82
C GLY B 126 17.18 -5.55 -2.64
N GLY B 127 16.49 -4.42 -2.44
CA GLY B 127 15.03 -4.41 -2.21
C GLY B 127 14.68 -5.07 -0.89
N LEU B 128 15.68 -5.52 -0.13
CA LEU B 128 15.51 -6.15 1.20
C LEU B 128 15.47 -5.07 2.25
N ARG B 129 14.85 -5.36 3.41
CA ARG B 129 14.81 -4.44 4.58
C ARG B 129 14.94 -5.22 5.90
N TYR B 130 16.07 -5.04 6.60
CA TYR B 130 16.39 -5.67 7.92
C TYR B 130 16.03 -4.66 9.00
N CYS B 131 14.91 -4.87 9.70
CA CYS B 131 14.41 -3.93 10.73
C CYS B 131 14.87 -4.49 12.08
N ILE B 132 15.88 -3.88 12.68
CA ILE B 132 16.59 -4.48 13.86
C ILE B 132 16.60 -3.50 15.04
N ASN B 133 16.25 -4.00 16.24
CA ASN B 133 16.30 -3.21 17.51
C ASN B 133 17.72 -2.68 17.73
N SER B 134 17.83 -1.36 17.92
CA SER B 134 19.10 -0.67 18.31
C SER B 134 19.63 -1.25 19.63
N ALA B 135 18.73 -1.69 20.49
CA ALA B 135 19.16 -2.23 21.79
C ALA B 135 19.97 -3.49 21.58
N ALA B 136 19.77 -4.16 20.44
CA ALA B 136 20.44 -5.44 20.19
C ALA B 136 21.79 -5.26 19.49
N ILE B 137 22.31 -4.04 19.39
CA ILE B 137 23.63 -3.84 18.71
C ILE B 137 24.42 -2.79 19.47
N GLN B 138 25.43 -2.22 18.84
CA GLN B 138 26.24 -1.13 19.43
C GLN B 138 27.08 -0.49 18.32
N PHE B 139 26.76 0.74 17.95
CA PHE B 139 27.50 1.44 16.88
C PHE B 139 28.95 1.65 17.31
N ILE B 140 29.87 1.52 16.36
CA ILE B 140 31.32 1.74 16.57
C ILE B 140 31.82 2.66 15.49
N PRO B 141 32.23 3.90 15.81
CA PRO B 141 32.54 4.88 14.76
C PRO B 141 33.65 4.32 13.87
N TYR B 142 33.58 4.62 12.56
CA TYR B 142 34.69 4.43 11.59
C TYR B 142 36.02 4.81 12.26
N GLU B 143 36.00 5.80 13.14
CA GLU B 143 37.20 6.47 13.72
C GLU B 143 37.70 5.75 15.00
N LYS B 144 37.31 4.49 15.23
CA LYS B 144 37.73 3.73 16.44
C LYS B 144 37.78 2.23 16.13
N LEU B 145 38.10 1.86 14.87
CA LEU B 145 37.92 0.48 14.36
C LEU B 145 39.22 -0.34 14.54
N GLU B 146 40.31 0.12 13.92
CA GLU B 146 41.63 -0.58 13.91
C GLU B 146 42.01 -0.77 15.38
N GLU B 147 41.71 0.24 16.21
CA GLU B 147 41.78 0.24 17.70
C GLU B 147 41.03 -0.95 18.30
N LEU B 148 39.72 -1.00 18.08
CA LEU B 148 38.80 -1.96 18.74
C LEU B 148 38.92 -3.34 18.08
N GLY B 149 39.83 -3.48 17.11
CA GLY B 149 40.14 -4.76 16.47
C GLY B 149 39.17 -5.01 15.36
N TYR B 150 38.94 -3.96 14.57
CA TYR B 150 38.08 -3.99 13.37
C TYR B 150 38.83 -3.33 12.20
N GLY B 151 40.13 -3.63 12.02
CA GLY B 151 40.87 -3.24 10.81
C GLY B 151 40.22 -3.85 9.56
N ASP B 152 40.13 -5.18 9.55
CA ASP B 152 39.58 -5.94 8.40
C ASP B 152 38.27 -5.34 7.91
N LEU B 153 37.57 -4.59 8.76
CA LEU B 153 36.25 -4.05 8.36
C LEU B 153 36.37 -2.60 7.92
N ILE B 154 37.59 -2.07 7.80
CA ILE B 154 37.69 -0.64 7.38
C ILE B 154 37.32 -0.53 5.90
N SER B 155 37.80 -1.48 5.09
CA SER B 155 37.63 -1.52 3.62
C SER B 155 36.24 -1.07 3.14
N HIS B 156 35.16 -1.63 3.69
CA HIS B 156 33.78 -1.35 3.24
C HIS B 156 33.53 0.14 2.97
N PHE B 157 33.58 0.95 4.03
CA PHE B 157 33.46 2.44 4.00
C PHE B 157 34.13 3.00 2.75
N ASP B 158 35.34 2.51 2.45
CA ASP B 158 36.10 2.88 1.23
C ASP B 158 37.36 2.02 1.14
N LYS C 21 -30.40 19.79 -24.43
CA LYS C 21 -29.38 18.71 -24.31
C LYS C 21 -28.03 19.25 -24.80
N ASP C 22 -26.93 18.85 -24.15
CA ASP C 22 -25.57 19.48 -24.26
C ASP C 22 -25.68 20.91 -23.72
N LYS C 23 -25.00 21.89 -24.31
CA LYS C 23 -25.27 23.33 -24.02
C LYS C 23 -26.79 23.56 -24.07
N SER C 24 -27.26 24.67 -23.48
CA SER C 24 -28.70 25.01 -23.31
C SER C 24 -29.45 23.83 -22.67
N GLU C 25 -28.70 22.89 -22.09
CA GLU C 25 -29.15 22.00 -20.98
C GLU C 25 -27.99 21.93 -19.97
N LEU C 26 -26.74 21.73 -20.41
CA LEU C 26 -25.59 21.36 -19.53
C LEU C 26 -24.96 22.59 -18.88
N THR C 27 -24.75 22.54 -17.57
CA THR C 27 -24.01 23.57 -16.77
C THR C 27 -22.54 23.55 -17.22
N ASP C 28 -21.71 24.44 -16.67
CA ASP C 28 -20.28 24.52 -17.08
C ASP C 28 -19.67 23.14 -16.77
N ILE C 29 -19.40 22.84 -15.49
CA ILE C 29 -18.81 21.54 -15.05
C ILE C 29 -19.50 20.40 -15.81
N GLU C 30 -20.84 20.39 -15.84
CA GLU C 30 -21.65 19.27 -16.37
C GLU C 30 -21.16 18.94 -17.78
N TYR C 31 -21.00 19.97 -18.61
CA TYR C 31 -20.50 19.88 -20.02
C TYR C 31 -19.05 19.38 -19.99
N ILE C 32 -18.18 20.12 -19.30
CA ILE C 32 -16.73 19.85 -19.18
C ILE C 32 -16.50 18.39 -18.77
N VAL C 33 -17.19 17.88 -17.75
CA VAL C 33 -17.06 16.43 -17.40
C VAL C 33 -17.49 15.57 -18.59
N THR C 34 -18.79 15.44 -18.88
CA THR C 34 -19.35 14.50 -19.89
C THR C 34 -18.70 14.67 -21.25
N GLN C 35 -18.30 15.90 -21.64
CA GLN C 35 -17.94 16.27 -23.04
C GLN C 35 -16.44 16.49 -23.23
N GLU C 36 -15.69 16.91 -22.20
CA GLU C 36 -14.23 17.19 -22.31
C GLU C 36 -13.45 16.20 -21.42
N ASN C 37 -14.11 15.17 -20.92
CA ASN C 37 -13.63 14.25 -19.85
C ASN C 37 -12.96 15.08 -18.75
N GLY C 38 -13.60 16.16 -18.32
CA GLY C 38 -13.18 16.88 -17.10
C GLY C 38 -13.48 16.06 -15.86
N THR C 39 -12.94 16.50 -14.71
CA THR C 39 -13.21 15.89 -13.39
C THR C 39 -13.58 17.00 -12.40
N GLU C 40 -14.83 16.96 -11.91
CA GLU C 40 -15.39 17.85 -10.83
C GLU C 40 -14.50 17.74 -9.60
N PRO C 41 -14.23 18.85 -8.88
CA PRO C 41 -13.43 18.78 -7.66
C PRO C 41 -13.99 17.69 -6.76
N PRO C 42 -13.17 17.08 -5.89
CA PRO C 42 -13.71 16.09 -4.95
C PRO C 42 -14.20 16.79 -3.67
N PHE C 43 -15.17 16.19 -2.98
CA PHE C 43 -15.77 16.67 -1.71
C PHE C 43 -16.52 18.00 -1.88
N MET C 44 -16.70 18.43 -3.12
CA MET C 44 -17.54 19.61 -3.49
C MET C 44 -18.86 19.07 -4.05
N ASN C 45 -18.76 18.25 -5.10
CA ASN C 45 -19.86 17.62 -5.88
C ASN C 45 -20.92 16.94 -4.99
N GLU C 46 -22.15 16.79 -5.52
CA GLU C 46 -23.31 16.07 -4.91
C GLU C 46 -23.17 14.57 -5.18
N TYR C 47 -24.07 13.75 -4.65
CA TYR C 47 -24.16 12.30 -4.97
C TYR C 47 -22.95 11.52 -4.43
N TRP C 48 -21.91 12.20 -3.92
CA TRP C 48 -20.65 11.55 -3.44
C TRP C 48 -20.85 11.02 -2.02
N ASN C 49 -21.61 11.75 -1.19
CA ASN C 49 -21.99 11.30 0.18
C ASN C 49 -23.39 10.66 0.14
N HIS C 50 -24.30 11.22 -0.68
CA HIS C 50 -25.72 10.85 -0.95
C HIS C 50 -25.89 9.32 -1.13
N PHE C 51 -26.65 8.68 -0.23
CA PHE C 51 -27.03 7.25 -0.28
C PHE C 51 -28.55 7.10 -0.27
N ALA C 52 -29.25 8.18 -0.60
CA ALA C 52 -30.72 8.18 -0.83
C ALA C 52 -31.03 7.00 -1.76
N LYS C 53 -32.00 6.20 -1.38
CA LYS C 53 -32.36 4.98 -2.14
C LYS C 53 -33.03 5.42 -3.45
N GLY C 54 -32.32 5.28 -4.57
CA GLY C 54 -32.87 5.46 -5.92
C GLY C 54 -32.01 4.83 -7.01
N ILE C 55 -32.00 5.49 -8.17
CA ILE C 55 -31.14 5.14 -9.34
C ILE C 55 -30.42 6.42 -9.76
N TYR C 56 -29.20 6.25 -10.28
CA TYR C 56 -28.36 7.27 -10.94
C TYR C 56 -28.36 6.99 -12.46
N VAL C 57 -28.94 7.90 -13.26
CA VAL C 57 -28.97 7.79 -14.75
C VAL C 57 -27.91 8.73 -15.34
N ASP C 58 -27.79 8.77 -16.67
CA ASP C 58 -26.86 9.68 -17.40
C ASP C 58 -27.56 11.02 -17.62
N LYS C 59 -26.93 12.12 -17.18
CA LYS C 59 -27.54 13.48 -17.24
C LYS C 59 -28.13 13.68 -18.64
N ILE C 60 -27.58 13.00 -19.65
CA ILE C 60 -27.91 13.27 -21.07
C ILE C 60 -28.91 12.24 -21.54
N SER C 61 -28.58 10.95 -21.39
CA SER C 61 -29.44 9.84 -21.90
C SER C 61 -30.65 9.67 -20.97
N GLY C 62 -30.59 10.18 -19.73
CA GLY C 62 -31.43 9.67 -18.65
C GLY C 62 -31.58 8.16 -18.73
N LYS C 63 -30.58 7.48 -19.27
CA LYS C 63 -30.58 6.01 -19.37
C LYS C 63 -29.89 5.52 -18.11
N PRO C 64 -30.61 4.71 -17.29
CA PRO C 64 -30.10 4.19 -16.02
C PRO C 64 -28.65 3.69 -16.16
N LEU C 65 -27.80 3.88 -15.13
CA LEU C 65 -26.41 3.35 -15.06
C LEU C 65 -26.20 2.60 -13.72
N PHE C 66 -26.26 3.32 -12.59
CA PHE C 66 -25.98 2.79 -11.22
C PHE C 66 -27.19 2.92 -10.31
N THR C 67 -27.32 2.02 -9.33
CA THR C 67 -28.29 2.15 -8.20
C THR C 67 -27.52 2.62 -6.96
N SER C 68 -28.23 3.03 -5.90
CA SER C 68 -27.65 3.36 -4.57
C SER C 68 -27.46 2.07 -3.76
N GLU C 69 -27.97 0.94 -4.27
CA GLU C 69 -27.80 -0.42 -3.69
C GLU C 69 -26.55 -1.08 -4.29
N GLU C 70 -25.76 -0.32 -5.08
CA GLU C 70 -24.41 -0.72 -5.58
C GLU C 70 -23.33 0.24 -5.04
N LYS C 71 -23.73 1.41 -4.52
CA LYS C 71 -22.84 2.51 -4.02
C LYS C 71 -22.05 2.08 -2.78
N PHE C 72 -21.08 2.89 -2.33
CA PHE C 72 -20.37 2.79 -1.00
C PHE C 72 -19.61 4.09 -0.69
N HIS C 73 -18.84 4.06 0.41
CA HIS C 73 -17.79 5.05 0.76
C HIS C 73 -16.40 4.42 0.66
N SER C 74 -15.57 4.97 -0.24
CA SER C 74 -14.15 4.54 -0.45
C SER C 74 -13.18 5.57 0.17
N GLU C 75 -13.61 6.84 0.26
CA GLU C 75 -12.89 7.97 0.91
C GLU C 75 -12.18 8.83 -0.14
N CYS C 76 -12.29 8.47 -1.43
CA CYS C 76 -11.56 9.11 -2.59
C CYS C 76 -12.09 10.53 -2.85
N GLY C 77 -13.42 10.71 -2.74
CA GLY C 77 -14.10 12.02 -2.71
C GLY C 77 -15.07 12.17 -3.85
N TRP C 78 -15.37 11.07 -4.55
CA TRP C 78 -16.34 10.99 -5.68
C TRP C 78 -17.32 9.88 -5.41
N PRO C 79 -18.52 9.92 -6.01
CA PRO C 79 -19.35 8.73 -6.10
C PRO C 79 -18.41 7.55 -6.37
N SER C 80 -18.58 6.46 -5.63
CA SER C 80 -17.91 5.17 -5.87
C SER C 80 -18.95 4.07 -5.76
N PHE C 81 -19.06 3.22 -6.79
CA PHE C 81 -20.00 2.06 -6.91
C PHE C 81 -19.21 0.76 -7.11
N SER C 82 -19.81 -0.34 -6.69
CA SER C 82 -19.14 -1.66 -6.76
C SER C 82 -19.27 -2.23 -8.16
N LYS C 83 -20.45 -2.08 -8.77
CA LYS C 83 -20.66 -2.63 -10.13
C LYS C 83 -21.90 -1.99 -10.73
N ALA C 84 -21.72 -1.04 -11.66
CA ALA C 84 -22.90 -0.43 -12.30
C ALA C 84 -23.68 -1.53 -12.99
N LEU C 85 -24.99 -1.60 -12.79
CA LEU C 85 -25.78 -2.69 -13.42
C LEU C 85 -25.92 -2.43 -14.92
N ASP C 86 -26.11 -3.51 -15.69
CA ASP C 86 -26.24 -3.53 -17.17
C ASP C 86 -24.91 -3.15 -17.80
N ASP C 87 -24.07 -4.15 -18.10
CA ASP C 87 -22.77 -3.89 -18.74
C ASP C 87 -23.02 -3.44 -20.18
N ASP C 88 -24.07 -3.99 -20.82
CA ASP C 88 -24.45 -3.56 -22.18
C ASP C 88 -25.03 -2.15 -22.08
N GLU C 89 -24.21 -1.22 -21.60
CA GLU C 89 -24.53 0.21 -21.34
C GLU C 89 -23.24 0.93 -20.95
N ILE C 90 -22.46 0.38 -20.03
CA ILE C 90 -21.16 0.99 -19.69
C ILE C 90 -20.07 0.44 -20.64
N ILE C 91 -19.43 1.34 -21.40
CA ILE C 91 -18.30 1.00 -22.32
C ILE C 91 -16.98 1.55 -21.76
N GLU C 92 -15.99 0.64 -21.66
CA GLU C 92 -14.68 0.77 -20.98
C GLU C 92 -13.62 1.07 -22.07
N LEU C 93 -12.50 1.69 -21.73
CA LEU C 93 -11.63 2.38 -22.72
C LEU C 93 -10.32 2.77 -22.06
N VAL C 94 -9.19 2.21 -22.49
CA VAL C 94 -7.81 2.61 -22.05
C VAL C 94 -7.76 4.14 -22.11
N ASP C 95 -7.55 4.78 -20.97
CA ASP C 95 -7.18 6.21 -20.86
C ASP C 95 -5.69 6.23 -20.55
N LYS C 96 -4.91 6.86 -21.44
CA LYS C 96 -3.47 7.20 -21.23
C LYS C 96 -3.34 8.72 -21.04
N SER C 97 -4.42 9.41 -20.66
CA SER C 97 -4.34 10.83 -20.24
C SER C 97 -3.24 10.95 -19.17
N PHE C 98 -2.63 12.13 -19.06
CA PHE C 98 -1.64 12.50 -18.02
C PHE C 98 -0.68 11.34 -17.73
N GLY C 99 -0.05 10.79 -18.78
CA GLY C 99 1.06 9.82 -18.72
C GLY C 99 0.80 8.64 -17.78
N MET C 100 -0.48 8.29 -17.57
CA MET C 100 -0.92 7.15 -16.72
C MET C 100 -1.61 6.08 -17.58
N VAL C 101 -2.16 5.08 -16.95
CA VAL C 101 -2.96 4.02 -17.61
C VAL C 101 -4.17 3.78 -16.71
N ARG C 102 -5.28 4.46 -17.01
CA ARG C 102 -6.57 4.19 -16.33
C ARG C 102 -7.48 3.53 -17.35
N THR C 103 -8.70 3.16 -16.92
CA THR C 103 -9.72 2.48 -17.76
C THR C 103 -11.00 3.32 -17.72
N GLU C 104 -10.99 4.48 -18.38
CA GLU C 104 -12.14 5.43 -18.53
C GLU C 104 -13.45 4.65 -18.75
N VAL C 105 -14.55 5.24 -18.26
CA VAL C 105 -15.93 4.68 -18.29
C VAL C 105 -16.91 5.74 -18.83
N ARG C 106 -17.79 5.36 -19.77
CA ARG C 106 -18.76 6.29 -20.43
C ARG C 106 -20.03 5.55 -20.88
N SER C 107 -21.15 6.30 -20.88
CA SER C 107 -22.50 5.84 -21.29
C SER C 107 -22.43 5.35 -22.73
N GLU C 108 -22.93 4.15 -23.08
CA GLU C 108 -22.99 3.71 -24.50
C GLU C 108 -24.08 4.53 -25.21
N GLU C 109 -25.34 4.41 -24.77
CA GLU C 109 -26.52 5.06 -25.43
C GLU C 109 -26.53 6.56 -25.10
N SER C 110 -25.38 7.21 -25.29
CA SER C 110 -25.10 8.63 -24.94
C SER C 110 -23.63 8.97 -25.23
N ASN C 111 -22.70 8.02 -25.01
CA ASN C 111 -21.24 8.24 -25.08
C ASN C 111 -20.91 9.54 -24.36
N SER C 112 -21.03 9.54 -23.03
CA SER C 112 -20.63 10.67 -22.14
C SER C 112 -19.59 10.13 -21.14
N HIS C 113 -18.56 10.92 -20.83
CA HIS C 113 -17.46 10.56 -19.88
C HIS C 113 -18.04 10.56 -18.48
N LEU C 114 -18.10 9.39 -17.84
CA LEU C 114 -18.61 9.25 -16.46
C LEU C 114 -17.41 9.36 -15.49
N GLY C 115 -16.42 8.47 -15.65
CA GLY C 115 -15.13 8.45 -14.91
C GLY C 115 -14.34 7.22 -15.28
N HIS C 116 -13.57 6.65 -14.36
CA HIS C 116 -12.79 5.39 -14.58
C HIS C 116 -13.28 4.27 -13.63
N VAL C 117 -12.74 3.07 -13.82
CA VAL C 117 -13.05 1.84 -13.02
C VAL C 117 -11.72 1.25 -12.54
N PHE C 118 -11.65 0.92 -11.24
CA PHE C 118 -10.40 0.62 -10.51
C PHE C 118 -10.50 -0.74 -9.82
N ASN C 119 -9.36 -1.42 -9.63
CA ASN C 119 -9.29 -2.75 -8.98
C ASN C 119 -8.89 -2.53 -7.52
N ASP C 120 -9.87 -2.21 -6.68
CA ASP C 120 -9.67 -2.02 -5.22
C ASP C 120 -11.04 -1.95 -4.57
N GLY C 121 -12.02 -2.73 -5.03
CA GLY C 121 -13.39 -2.73 -4.49
C GLY C 121 -13.51 -3.63 -3.26
N PRO C 122 -14.58 -3.49 -2.43
CA PRO C 122 -14.61 -4.09 -1.10
C PRO C 122 -14.52 -5.63 -1.04
N LYS C 123 -14.35 -6.31 -2.18
CA LYS C 123 -14.38 -7.79 -2.30
C LYS C 123 -15.80 -8.23 -1.94
N GLU C 124 -16.21 -9.42 -2.36
CA GLU C 124 -17.65 -9.79 -2.44
C GLU C 124 -18.27 -8.92 -3.55
N SER C 125 -18.47 -7.62 -3.27
CA SER C 125 -19.18 -6.63 -4.13
C SER C 125 -18.68 -6.69 -5.58
N GLY C 126 -17.37 -6.95 -5.78
CA GLY C 126 -16.72 -7.06 -7.11
C GLY C 126 -15.20 -7.03 -7.03
N GLY C 127 -14.63 -6.27 -6.10
CA GLY C 127 -13.19 -5.92 -6.13
C GLY C 127 -12.97 -4.71 -7.02
N LEU C 128 -14.10 -4.20 -7.58
CA LEU C 128 -14.23 -3.10 -8.57
C LEU C 128 -14.70 -1.83 -7.88
N ARG C 129 -14.14 -0.70 -8.27
CA ARG C 129 -14.60 0.65 -7.86
C ARG C 129 -14.87 1.47 -9.13
N TYR C 130 -16.13 1.59 -9.54
CA TYR C 130 -16.54 2.58 -10.56
C TYR C 130 -16.55 3.97 -9.90
N CYS C 131 -15.60 4.84 -10.27
CA CYS C 131 -15.36 6.16 -9.62
C CYS C 131 -15.86 7.34 -10.49
N ILE C 132 -17.16 7.64 -10.38
CA ILE C 132 -17.98 8.44 -11.34
C ILE C 132 -18.05 9.91 -10.89
N ASN C 133 -17.81 10.84 -11.82
CA ASN C 133 -18.25 12.25 -11.67
C ASN C 133 -19.78 12.23 -11.54
N SER C 134 -20.30 12.90 -10.50
CA SER C 134 -21.75 13.16 -10.32
C SER C 134 -22.24 14.20 -11.34
N ALA C 135 -21.33 15.07 -11.81
CA ALA C 135 -21.59 16.06 -12.87
C ALA C 135 -22.28 15.35 -14.03
N ALA C 136 -21.84 14.14 -14.39
CA ALA C 136 -22.34 13.33 -15.52
C ALA C 136 -23.43 12.35 -15.07
N ILE C 137 -24.09 12.64 -13.95
CA ILE C 137 -25.07 11.74 -13.24
C ILE C 137 -26.24 12.61 -12.74
N GLN C 138 -27.47 12.07 -12.82
CA GLN C 138 -28.63 12.55 -12.02
C GLN C 138 -29.18 11.36 -11.23
N PHE C 139 -29.40 11.60 -9.93
CA PHE C 139 -30.09 10.68 -9.01
C PHE C 139 -31.61 10.77 -9.24
N ILE C 140 -32.32 9.66 -9.02
CA ILE C 140 -33.81 9.57 -9.08
C ILE C 140 -34.28 8.87 -7.81
N PRO C 141 -35.10 9.53 -6.96
CA PRO C 141 -35.59 8.91 -5.74
C PRO C 141 -36.43 7.66 -6.06
N TYR C 142 -36.04 6.51 -5.50
CA TYR C 142 -36.77 5.21 -5.59
C TYR C 142 -38.27 5.45 -5.69
N GLU C 143 -38.81 6.29 -4.82
CA GLU C 143 -40.27 6.50 -4.69
C GLU C 143 -40.84 7.27 -5.89
N LYS C 144 -40.00 7.86 -6.76
CA LYS C 144 -40.47 8.66 -7.94
C LYS C 144 -40.04 7.96 -9.26
N LEU C 145 -39.94 6.62 -9.28
CA LEU C 145 -39.43 5.83 -10.44
C LEU C 145 -40.52 5.68 -11.50
N GLU C 146 -41.64 5.08 -11.06
CA GLU C 146 -42.73 4.50 -11.90
C GLU C 146 -43.33 5.57 -12.82
N GLU C 147 -43.43 6.80 -12.29
CA GLU C 147 -44.14 7.92 -12.95
C GLU C 147 -43.25 8.49 -14.07
N LEU C 148 -41.94 8.34 -13.96
CA LEU C 148 -40.96 8.97 -14.88
C LEU C 148 -40.66 8.05 -16.07
N GLY C 149 -40.78 6.74 -15.86
CA GLY C 149 -40.46 5.70 -16.86
C GLY C 149 -39.89 4.46 -16.18
N TYR C 150 -39.22 4.65 -15.04
CA TYR C 150 -38.35 3.61 -14.43
C TYR C 150 -39.20 2.67 -13.57
N GLY C 151 -40.47 2.47 -13.92
CA GLY C 151 -41.33 1.47 -13.26
C GLY C 151 -40.58 0.16 -13.09
N ASP C 152 -40.60 -0.67 -14.14
CA ASP C 152 -39.98 -2.01 -14.22
C ASP C 152 -38.65 -2.03 -13.47
N LEU C 153 -38.01 -0.88 -13.36
CA LEU C 153 -36.70 -0.80 -12.69
C LEU C 153 -36.87 -0.90 -11.17
N ILE C 154 -36.78 -2.12 -10.64
CA ILE C 154 -36.88 -2.37 -9.17
C ILE C 154 -35.90 -3.50 -8.84
N SER C 155 -34.65 -3.15 -8.53
CA SER C 155 -33.58 -4.13 -8.22
C SER C 155 -33.47 -4.32 -6.70
N HIS C 156 -34.59 -4.21 -5.98
CA HIS C 156 -34.59 -4.38 -4.50
C HIS C 156 -35.56 -5.50 -4.10
N LYS D 21 -9.50 43.68 -3.77
CA LYS D 21 -9.35 43.01 -2.45
C LYS D 21 -9.52 41.49 -2.64
N ASP D 22 -9.51 40.75 -1.53
CA ASP D 22 -9.68 39.27 -1.47
C ASP D 22 -10.80 38.84 -2.43
N LYS D 23 -12.03 39.28 -2.17
CA LYS D 23 -13.26 38.83 -2.88
C LYS D 23 -13.52 39.72 -4.11
N SER D 24 -12.46 40.25 -4.74
CA SER D 24 -12.54 41.16 -5.92
C SER D 24 -11.32 40.97 -6.84
N GLU D 25 -10.10 41.03 -6.28
CA GLU D 25 -8.83 40.80 -7.01
C GLU D 25 -8.80 39.38 -7.57
N LEU D 26 -9.34 38.42 -6.81
CA LEU D 26 -9.23 36.96 -7.09
C LEU D 26 -10.35 36.54 -8.04
N THR D 27 -10.07 35.60 -8.96
CA THR D 27 -11.09 34.82 -9.71
C THR D 27 -12.09 34.29 -8.68
N ASP D 28 -13.15 33.61 -9.13
CA ASP D 28 -14.05 32.91 -8.19
C ASP D 28 -13.32 31.67 -7.65
N ILE D 29 -12.65 30.89 -8.52
CA ILE D 29 -11.82 29.70 -8.12
C ILE D 29 -10.86 30.08 -7.00
N GLU D 30 -10.17 31.22 -7.12
CA GLU D 30 -9.12 31.64 -6.15
C GLU D 30 -9.80 31.92 -4.79
N TYR D 31 -10.79 32.82 -4.76
CA TYR D 31 -11.54 33.19 -3.53
C TYR D 31 -12.01 31.90 -2.82
N ILE D 32 -12.69 31.00 -3.55
CA ILE D 32 -13.27 29.74 -2.98
C ILE D 32 -12.19 29.08 -2.12
N VAL D 33 -11.19 28.44 -2.74
CA VAL D 33 -10.11 27.63 -2.08
C VAL D 33 -9.47 28.42 -0.94
N THR D 34 -8.88 29.58 -1.27
CA THR D 34 -8.04 30.42 -0.36
C THR D 34 -8.82 30.80 0.91
N GLN D 35 -10.15 30.96 0.80
CA GLN D 35 -11.03 31.52 1.87
C GLN D 35 -12.05 30.47 2.32
N GLU D 36 -12.77 29.89 1.37
CA GLU D 36 -13.90 28.95 1.62
C GLU D 36 -13.37 27.51 1.77
N ASN D 37 -12.04 27.35 1.84
CA ASN D 37 -11.33 26.06 2.09
C ASN D 37 -11.83 25.01 1.09
N GLY D 38 -12.10 25.41 -0.15
CA GLY D 38 -12.64 24.52 -1.22
C GLY D 38 -11.54 23.67 -1.81
N THR D 39 -11.58 23.40 -3.12
CA THR D 39 -10.48 22.67 -3.80
C THR D 39 -10.59 22.75 -5.34
N GLU D 40 -9.52 23.21 -5.99
CA GLU D 40 -9.34 23.19 -7.46
C GLU D 40 -9.57 21.75 -7.91
N PRO D 41 -10.10 21.54 -9.14
CA PRO D 41 -10.18 20.19 -9.69
C PRO D 41 -8.78 19.72 -10.08
N PRO D 42 -8.55 18.39 -10.18
CA PRO D 42 -7.20 17.87 -10.42
C PRO D 42 -6.77 18.03 -11.88
N PHE D 43 -5.48 18.28 -12.12
CA PHE D 43 -4.91 18.46 -13.48
C PHE D 43 -5.49 19.75 -14.09
N MET D 44 -5.18 20.88 -13.43
CA MET D 44 -5.43 22.28 -13.91
C MET D 44 -4.57 23.26 -13.10
N ASN D 45 -4.56 24.52 -13.58
CA ASN D 45 -3.62 25.66 -13.35
C ASN D 45 -2.17 25.21 -13.57
N GLU D 46 -1.46 25.89 -14.48
CA GLU D 46 -0.06 25.57 -14.91
C GLU D 46 0.82 25.55 -13.67
N TYR D 47 0.47 24.64 -12.75
CA TYR D 47 1.15 24.40 -11.44
C TYR D 47 1.21 22.88 -11.18
N TRP D 48 0.13 22.15 -11.49
CA TRP D 48 0.07 20.65 -11.51
C TRP D 48 1.32 20.05 -12.20
N ASN D 49 1.64 20.48 -13.43
CA ASN D 49 2.68 19.84 -14.29
C ASN D 49 3.92 20.76 -14.47
N HIS D 50 4.04 21.82 -13.67
CA HIS D 50 5.09 22.88 -13.74
C HIS D 50 6.42 22.31 -13.25
N PHE D 51 7.51 22.68 -13.93
CA PHE D 51 8.92 22.35 -13.56
C PHE D 51 9.75 23.62 -13.45
N ALA D 52 9.13 24.77 -13.77
CA ALA D 52 9.79 26.08 -13.98
C ALA D 52 10.42 26.57 -12.68
N LYS D 53 11.64 27.11 -12.77
CA LYS D 53 12.46 27.48 -11.58
C LYS D 53 12.13 28.90 -11.17
N GLY D 54 11.81 29.05 -9.88
CA GLY D 54 11.46 30.31 -9.22
C GLY D 54 10.95 30.03 -7.82
N ILE D 55 10.02 30.85 -7.33
CA ILE D 55 9.25 30.55 -6.08
C ILE D 55 7.78 30.87 -6.34
N TYR D 56 6.91 30.15 -5.62
CA TYR D 56 5.43 30.23 -5.65
C TYR D 56 4.97 31.04 -4.43
N VAL D 57 4.05 31.99 -4.61
CA VAL D 57 3.71 32.99 -3.54
C VAL D 57 2.20 32.96 -3.26
N ASP D 58 1.85 33.20 -1.98
CA ASP D 58 0.47 33.30 -1.43
C ASP D 58 -0.26 34.40 -2.20
N SER D 61 -1.17 37.60 0.45
CA SER D 61 -0.05 38.35 1.09
C SER D 61 1.18 38.38 0.17
N GLY D 62 1.16 37.63 -0.93
CA GLY D 62 2.28 37.50 -1.90
C GLY D 62 3.54 36.97 -1.23
N LYS D 63 3.42 36.41 -0.03
CA LYS D 63 4.55 35.91 0.81
C LYS D 63 5.07 34.61 0.20
N PRO D 64 6.40 34.41 0.06
CA PRO D 64 6.94 33.13 -0.42
C PRO D 64 6.51 31.92 0.44
N LEU D 65 6.17 30.78 -0.18
CA LEU D 65 5.62 29.57 0.51
C LEU D 65 6.42 28.30 0.14
N PHE D 66 6.44 27.90 -1.13
CA PHE D 66 7.31 26.81 -1.69
C PHE D 66 8.12 27.35 -2.88
N THR D 67 9.08 26.55 -3.31
CA THR D 67 9.97 26.88 -4.45
C THR D 67 10.02 25.73 -5.46
N SER D 68 10.26 26.05 -6.72
CA SER D 68 10.47 25.11 -7.85
C SER D 68 11.41 23.98 -7.41
N GLU D 69 12.45 24.32 -6.63
CA GLU D 69 13.58 23.43 -6.25
C GLU D 69 13.05 22.27 -5.38
N GLU D 70 11.89 22.43 -4.71
CA GLU D 70 11.33 21.43 -3.75
C GLU D 70 10.06 20.75 -4.29
N LYS D 71 9.75 20.92 -5.59
CA LYS D 71 8.51 20.42 -6.26
C LYS D 71 8.85 19.10 -6.96
N PHE D 72 7.85 18.28 -7.30
CA PHE D 72 8.05 17.02 -8.06
C PHE D 72 6.72 16.55 -8.67
N HIS D 73 6.74 15.42 -9.38
CA HIS D 73 5.58 14.88 -10.16
C HIS D 73 5.01 13.69 -9.38
N SER D 74 3.89 13.94 -8.68
CA SER D 74 3.23 13.05 -7.68
C SER D 74 2.22 12.14 -8.37
N GLU D 75 1.67 12.60 -9.50
CA GLU D 75 0.66 11.88 -10.28
C GLU D 75 -0.63 11.86 -9.45
N CYS D 76 -0.77 12.79 -8.48
CA CYS D 76 -1.87 12.88 -7.47
C CYS D 76 -2.87 13.97 -7.84
N GLY D 77 -2.53 14.79 -8.84
CA GLY D 77 -3.43 15.73 -9.56
C GLY D 77 -3.19 17.18 -9.16
N TRP D 78 -2.31 17.44 -8.19
CA TRP D 78 -2.12 18.79 -7.58
C TRP D 78 -0.65 19.05 -7.31
N PRO D 79 -0.28 20.36 -7.27
CA PRO D 79 1.07 20.79 -6.89
C PRO D 79 1.58 20.02 -5.67
N SER D 80 2.71 19.36 -5.82
CA SER D 80 3.30 18.51 -4.76
C SER D 80 4.73 18.99 -4.46
N PHE D 81 4.99 19.23 -3.18
CA PHE D 81 6.29 19.71 -2.69
C PHE D 81 6.74 18.80 -1.54
N SER D 82 8.02 18.44 -1.56
CA SER D 82 8.73 17.68 -0.51
C SER D 82 8.59 18.44 0.83
N LYS D 83 8.69 19.76 0.77
CA LYS D 83 8.78 20.61 1.98
C LYS D 83 8.38 22.06 1.62
N ALA D 84 7.98 22.80 2.66
CA ALA D 84 7.76 24.26 2.65
C ALA D 84 9.08 24.97 2.28
N LEU D 85 8.97 26.20 1.76
CA LEU D 85 10.11 27.13 1.53
C LEU D 85 10.71 27.61 2.86
N ASP D 86 9.94 27.62 3.96
CA ASP D 86 10.43 28.04 5.29
C ASP D 86 9.48 27.55 6.39
N ASP D 87 9.97 27.63 7.62
CA ASP D 87 9.25 27.36 8.89
C ASP D 87 8.15 28.42 9.06
N ASP D 88 8.50 29.71 8.92
CA ASP D 88 7.70 30.89 9.35
C ASP D 88 6.51 31.18 8.41
N GLU D 89 6.15 30.26 7.52
CA GLU D 89 5.26 30.57 6.37
C GLU D 89 3.84 30.07 6.67
N ILE D 90 3.73 28.90 7.30
CA ILE D 90 2.59 27.95 7.16
C ILE D 90 2.20 27.40 8.53
N ILE D 91 0.90 27.27 8.77
CA ILE D 91 0.33 26.68 10.02
C ILE D 91 -0.42 25.41 9.61
N GLU D 92 -0.45 24.40 10.48
CA GLU D 92 -0.95 23.03 10.16
C GLU D 92 -2.07 22.68 11.16
N LEU D 93 -3.32 22.63 10.69
CA LEU D 93 -4.52 22.33 11.52
C LEU D 93 -4.97 20.91 11.24
N VAL D 94 -5.50 20.25 12.29
CA VAL D 94 -6.23 18.94 12.26
C VAL D 94 -7.59 19.14 11.58
N ASP D 95 -7.76 18.69 10.33
CA ASP D 95 -9.03 18.83 9.60
C ASP D 95 -9.80 17.52 9.70
N LYS D 96 -11.04 17.57 10.21
CA LYS D 96 -11.91 16.37 10.36
C LYS D 96 -13.06 16.41 9.35
N SER D 97 -13.10 17.43 8.47
CA SER D 97 -13.95 17.45 7.25
C SER D 97 -14.13 16.02 6.74
N PHE D 98 -15.36 15.70 6.34
CA PHE D 98 -15.70 14.44 5.63
C PHE D 98 -15.21 13.26 6.47
N GLY D 99 -15.51 13.30 7.77
CA GLY D 99 -15.41 12.15 8.69
C GLY D 99 -13.97 11.76 8.96
N MET D 100 -13.05 12.13 8.06
CA MET D 100 -11.64 11.65 8.01
C MET D 100 -10.79 12.54 8.90
N VAL D 101 -9.54 12.13 9.15
CA VAL D 101 -8.45 12.94 9.79
C VAL D 101 -7.49 13.38 8.69
N ARG D 102 -7.21 14.67 8.55
CA ARG D 102 -6.11 15.14 7.67
C ARG D 102 -5.36 16.25 8.40
N THR D 103 -4.45 16.93 7.70
CA THR D 103 -3.71 18.09 8.23
C THR D 103 -3.81 19.24 7.21
N GLU D 104 -4.80 20.13 7.42
CA GLU D 104 -5.03 21.34 6.58
C GLU D 104 -3.77 22.19 6.68
N VAL D 105 -3.26 22.63 5.54
CA VAL D 105 -2.13 23.59 5.42
C VAL D 105 -2.72 24.96 5.02
N ARG D 106 -2.45 25.99 5.83
CA ARG D 106 -2.90 27.40 5.60
C ARG D 106 -1.65 28.29 5.66
N SER D 107 -1.74 29.58 5.28
CA SER D 107 -0.64 30.58 5.39
C SER D 107 -0.55 31.09 6.84
N GLU D 108 0.67 31.25 7.38
CA GLU D 108 0.85 31.94 8.68
C GLU D 108 0.27 33.34 8.53
N GLU D 109 0.73 34.04 7.48
CA GLU D 109 0.54 35.49 7.24
C GLU D 109 -0.92 35.76 6.85
N SER D 110 -1.37 35.17 5.74
CA SER D 110 -2.64 35.52 5.05
C SER D 110 -3.74 34.50 5.36
N ASN D 111 -3.60 33.72 6.45
CA ASN D 111 -4.54 32.63 6.88
C ASN D 111 -5.50 32.26 5.74
N SER D 112 -4.95 31.81 4.61
CA SER D 112 -5.77 31.37 3.47
C SER D 112 -5.65 29.86 3.36
N HIS D 113 -6.75 29.14 3.11
CA HIS D 113 -6.69 27.66 2.97
C HIS D 113 -5.65 27.33 1.90
N LEU D 114 -4.67 26.49 2.21
CA LEU D 114 -3.62 26.16 1.22
C LEU D 114 -3.82 24.73 0.70
N GLY D 115 -4.16 23.80 1.58
CA GLY D 115 -4.36 22.42 1.14
C GLY D 115 -4.10 21.45 2.28
N HIS D 116 -3.46 20.34 1.97
CA HIS D 116 -3.14 19.30 2.98
C HIS D 116 -1.73 18.77 2.82
N VAL D 117 -1.25 18.11 3.87
CA VAL D 117 0.09 17.48 3.85
C VAL D 117 -0.11 16.05 4.31
N PHE D 118 0.76 15.14 3.82
CA PHE D 118 0.77 13.68 4.11
C PHE D 118 2.22 13.21 4.16
N ASN D 119 2.44 11.97 4.59
CA ASN D 119 3.79 11.35 4.67
C ASN D 119 3.84 10.22 3.62
N ASP D 120 3.52 10.55 2.37
CA ASP D 120 3.50 9.60 1.23
C ASP D 120 4.33 10.21 0.09
N GLY D 121 5.34 10.98 0.45
CA GLY D 121 6.11 11.75 -0.56
C GLY D 121 7.50 11.17 -0.74
N PRO D 122 8.24 11.63 -1.77
CA PRO D 122 9.59 11.15 -2.03
C PRO D 122 10.23 11.00 -0.66
N LYS D 123 10.72 9.79 -0.40
CA LYS D 123 11.29 9.34 0.90
C LYS D 123 12.67 9.98 1.04
N GLU D 124 13.48 9.91 -0.03
CA GLU D 124 14.86 10.49 -0.08
C GLU D 124 14.82 12.01 0.16
N SER D 125 13.72 12.71 -0.19
CA SER D 125 13.52 14.14 0.16
C SER D 125 12.36 14.26 1.17
N GLY D 126 12.51 13.59 2.32
CA GLY D 126 11.82 13.91 3.60
C GLY D 126 10.52 13.14 3.84
N GLY D 127 9.96 12.48 2.83
CA GLY D 127 8.79 11.59 2.99
C GLY D 127 7.48 12.36 3.01
N LEU D 128 7.54 13.67 3.30
CA LEU D 128 6.33 14.54 3.38
C LEU D 128 5.88 14.88 1.95
N ARG D 129 4.58 14.86 1.70
CA ARG D 129 3.99 15.49 0.50
C ARG D 129 3.02 16.58 0.94
N TYR D 130 3.40 17.83 0.67
CA TYR D 130 2.47 18.97 0.60
C TYR D 130 1.78 18.88 -0.74
N CYS D 131 0.47 18.59 -0.76
CA CYS D 131 -0.40 18.73 -1.96
C CYS D 131 -1.25 20.00 -1.84
N ILE D 132 -0.95 21.01 -2.66
CA ILE D 132 -1.46 22.40 -2.53
C ILE D 132 -2.33 22.75 -3.74
N ASN D 133 -3.41 23.50 -3.56
CA ASN D 133 -4.15 23.97 -4.74
C ASN D 133 -3.27 25.03 -5.39
N SER D 134 -3.17 25.04 -6.72
CA SER D 134 -2.33 26.01 -7.45
C SER D 134 -2.88 27.41 -7.27
N ALA D 135 -4.20 27.53 -7.22
CA ALA D 135 -4.90 28.82 -7.04
C ALA D 135 -4.24 29.64 -5.92
N ALA D 136 -4.25 29.11 -4.70
CA ALA D 136 -3.67 29.90 -3.59
C ALA D 136 -2.17 30.14 -3.85
N ILE D 137 -1.73 30.00 -5.10
CA ILE D 137 -0.29 30.11 -5.48
C ILE D 137 -0.18 30.93 -6.76
N GLN D 138 0.73 31.91 -6.79
CA GLN D 138 1.19 32.62 -8.01
C GLN D 138 2.72 32.49 -8.12
N PHE D 139 3.20 32.01 -9.28
CA PHE D 139 4.64 31.73 -9.54
C PHE D 139 5.31 32.96 -10.17
N ILE D 140 6.61 33.19 -9.88
CA ILE D 140 7.43 34.26 -10.50
C ILE D 140 8.76 33.61 -10.95
N PRO D 141 9.06 33.49 -12.27
CA PRO D 141 10.31 32.87 -12.78
C PRO D 141 11.68 33.45 -12.40
N TYR D 142 12.62 32.56 -12.07
CA TYR D 142 14.01 32.78 -11.57
C TYR D 142 14.47 34.25 -11.43
N GLU D 143 15.22 34.74 -12.43
CA GLU D 143 15.86 36.08 -12.43
C GLU D 143 14.97 37.19 -11.84
N LYS D 144 13.72 37.29 -12.27
CA LYS D 144 12.79 38.35 -11.82
C LYS D 144 12.80 38.55 -10.29
N LEU D 145 12.73 37.46 -9.53
CA LEU D 145 12.70 37.44 -8.04
C LEU D 145 13.62 38.51 -7.42
N GLU D 146 14.78 38.80 -8.02
CA GLU D 146 15.67 39.88 -7.49
C GLU D 146 15.16 41.23 -8.00
N GLU D 147 14.57 41.24 -9.20
CA GLU D 147 13.73 42.34 -9.72
C GLU D 147 12.61 42.63 -8.70
N LEU D 148 11.58 41.76 -8.64
CA LEU D 148 10.38 41.97 -7.78
C LEU D 148 10.69 41.68 -6.29
N GLY D 149 11.89 42.06 -5.81
CA GLY D 149 12.26 42.19 -4.38
C GLY D 149 12.12 40.90 -3.59
N TYR D 150 12.95 39.90 -3.92
CA TYR D 150 13.00 38.56 -3.29
C TYR D 150 14.44 38.04 -3.32
N GLY D 151 15.00 38.06 -4.54
CA GLY D 151 16.44 37.97 -4.85
C GLY D 151 17.23 37.29 -3.76
N ASP D 152 17.46 38.01 -2.65
CA ASP D 152 18.29 37.53 -1.51
C ASP D 152 17.73 36.18 -1.06
N LEU D 153 18.05 35.14 -1.86
CA LEU D 153 17.44 33.78 -1.89
C LEU D 153 18.38 32.86 -2.70
N ILE D 154 19.06 31.96 -1.98
CA ILE D 154 20.19 31.09 -2.45
C ILE D 154 19.83 30.45 -3.79
N SER D 155 18.82 29.56 -3.78
CA SER D 155 18.32 28.81 -4.95
C SER D 155 19.48 28.26 -5.79
N HIS D 156 20.50 27.69 -5.13
CA HIS D 156 21.82 27.21 -5.65
C HIS D 156 22.20 27.81 -7.02
N PHE D 157 22.23 26.98 -8.07
CA PHE D 157 23.03 27.10 -9.32
C PHE D 157 22.71 28.40 -10.07
N ASP D 158 23.57 28.71 -11.05
CA ASP D 158 23.34 29.72 -12.11
C ASP D 158 22.87 28.97 -13.37
N LYS E 23 8.04 -40.59 -6.03
CA LYS E 23 6.68 -40.67 -6.67
C LYS E 23 6.62 -39.70 -7.86
N SER E 24 6.61 -40.22 -9.10
CA SER E 24 6.59 -39.42 -10.37
C SER E 24 5.72 -40.11 -11.42
N GLU E 25 4.45 -40.35 -11.10
CA GLU E 25 3.47 -41.02 -12.00
C GLU E 25 2.33 -40.02 -12.27
N LEU E 26 2.67 -38.74 -12.32
CA LEU E 26 1.78 -37.58 -12.63
C LEU E 26 2.40 -36.77 -13.78
N THR E 27 1.72 -35.74 -14.29
CA THR E 27 2.23 -34.87 -15.39
C THR E 27 3.61 -34.36 -14.94
N ASP E 28 4.46 -33.88 -15.85
CA ASP E 28 5.79 -33.29 -15.53
C ASP E 28 5.56 -32.03 -14.68
N ILE E 29 4.63 -31.17 -15.11
CA ILE E 29 4.25 -29.90 -14.40
C ILE E 29 3.82 -30.25 -12.97
N GLU E 30 3.08 -31.34 -12.76
CA GLU E 30 2.61 -31.79 -11.42
C GLU E 30 3.81 -32.15 -10.53
N TYR E 31 4.86 -32.75 -11.10
CA TYR E 31 6.10 -33.21 -10.39
C TYR E 31 6.95 -31.99 -10.04
N ILE E 32 7.17 -31.11 -11.02
CA ILE E 32 8.15 -29.98 -11.01
C ILE E 32 7.91 -29.06 -9.80
N VAL E 33 6.68 -28.60 -9.62
CA VAL E 33 6.23 -27.85 -8.41
C VAL E 33 6.73 -28.60 -7.16
N THR E 34 6.10 -29.74 -6.91
CA THR E 34 6.04 -30.49 -5.62
C THR E 34 7.44 -30.83 -5.09
N GLN E 35 8.29 -31.37 -5.97
CA GLN E 35 9.60 -31.98 -5.63
C GLN E 35 10.72 -30.94 -5.81
N GLU E 36 10.47 -29.88 -6.59
CA GLU E 36 11.56 -28.98 -7.07
C GLU E 36 11.18 -27.52 -6.83
N ASN E 37 10.30 -27.26 -5.88
CA ASN E 37 9.92 -25.87 -5.52
C ASN E 37 9.89 -25.01 -6.78
N GLY E 38 9.04 -25.41 -7.72
CA GLY E 38 8.67 -24.65 -8.92
C GLY E 38 7.38 -23.88 -8.68
N THR E 39 6.82 -23.32 -9.76
CA THR E 39 5.60 -22.49 -9.75
C THR E 39 4.76 -22.77 -11.00
N GLU E 40 3.53 -23.23 -10.80
CA GLU E 40 2.49 -23.28 -11.86
C GLU E 40 2.17 -21.84 -12.27
N PRO E 41 1.67 -21.56 -13.51
CA PRO E 41 1.31 -20.19 -13.89
C PRO E 41 0.14 -19.66 -13.06
N PRO E 42 -0.21 -18.36 -13.15
CA PRO E 42 -1.38 -17.85 -12.46
C PRO E 42 -2.56 -17.99 -13.41
N PHE E 43 -3.76 -18.20 -12.83
CA PHE E 43 -5.10 -18.21 -13.47
C PHE E 43 -5.32 -19.54 -14.16
N MET E 44 -4.33 -19.94 -14.98
CA MET E 44 -4.30 -21.19 -15.79
C MET E 44 -4.90 -22.35 -14.99
N ASN E 45 -4.58 -22.44 -13.69
CA ASN E 45 -4.97 -23.61 -12.85
C ASN E 45 -6.50 -23.67 -12.71
N GLU E 46 -7.04 -24.91 -12.66
CA GLU E 46 -8.48 -25.19 -12.41
C GLU E 46 -8.85 -24.64 -11.03
N TYR E 47 -8.00 -24.89 -10.03
CA TYR E 47 -8.30 -24.73 -8.58
C TYR E 47 -8.27 -23.25 -8.17
N TRP E 48 -7.58 -22.41 -8.95
CA TRP E 48 -7.51 -20.93 -8.79
C TRP E 48 -8.90 -20.37 -8.49
N ASN E 49 -9.83 -20.56 -9.44
CA ASN E 49 -11.28 -20.24 -9.31
C ASN E 49 -11.99 -21.57 -9.03
N HIS E 50 -12.72 -21.66 -7.91
CA HIS E 50 -13.29 -22.96 -7.41
C HIS E 50 -14.33 -22.73 -6.30
N PHE E 51 -13.93 -22.88 -5.03
CA PHE E 51 -14.78 -22.62 -3.85
C PHE E 51 -15.77 -23.78 -3.63
N ALA E 52 -15.80 -24.80 -4.50
CA ALA E 52 -16.73 -25.96 -4.45
C ALA E 52 -16.62 -26.72 -3.12
N LYS E 53 -17.73 -26.83 -2.36
CA LYS E 53 -17.83 -27.47 -1.00
C LYS E 53 -17.16 -28.85 -1.00
N GLY E 54 -16.19 -29.05 -0.11
CA GLY E 54 -15.37 -30.27 -0.04
C GLY E 54 -14.00 -29.98 0.56
N ILE E 55 -12.94 -30.60 0.01
CA ILE E 55 -11.54 -30.43 0.48
C ILE E 55 -10.56 -30.60 -0.69
N TYR E 56 -9.32 -30.15 -0.47
CA TYR E 56 -8.12 -30.26 -1.34
C TYR E 56 -6.97 -30.89 -0.52
N VAL E 57 -6.58 -32.14 -0.82
CA VAL E 57 -5.54 -32.89 -0.06
C VAL E 57 -4.23 -32.89 -0.85
N ASP E 58 -3.17 -33.47 -0.26
CA ASP E 58 -1.80 -33.56 -0.83
C ASP E 58 -1.85 -34.52 -2.02
N LYS E 59 -1.23 -34.15 -3.15
CA LYS E 59 -1.21 -34.92 -4.43
C LYS E 59 0.01 -35.87 -4.44
N ILE E 60 0.69 -36.07 -3.30
CA ILE E 60 1.78 -37.08 -3.16
C ILE E 60 1.47 -38.02 -1.98
N SER E 61 0.88 -37.50 -0.90
CA SER E 61 0.53 -38.25 0.34
C SER E 61 -0.95 -38.66 0.31
N GLY E 62 -1.84 -37.72 -0.03
CA GLY E 62 -3.30 -37.83 0.13
C GLY E 62 -3.77 -37.25 1.44
N LYS E 63 -2.85 -36.69 2.24
CA LYS E 63 -3.10 -36.08 3.58
C LYS E 63 -3.92 -34.81 3.40
N PRO E 64 -5.00 -34.58 4.18
CA PRO E 64 -5.75 -33.34 4.10
C PRO E 64 -4.89 -32.11 4.43
N LEU E 65 -4.93 -31.09 3.57
CA LEU E 65 -4.18 -29.81 3.74
C LEU E 65 -5.15 -28.64 3.95
N PHE E 66 -6.29 -28.59 3.24
CA PHE E 66 -7.26 -27.44 3.26
C PHE E 66 -8.70 -27.89 2.92
N THR E 67 -9.69 -27.01 3.18
CA THR E 67 -11.13 -27.14 2.81
C THR E 67 -11.56 -25.96 1.93
N SER E 68 -12.85 -25.62 1.86
CA SER E 68 -13.41 -24.54 1.00
C SER E 68 -13.97 -23.38 1.84
N GLU E 69 -14.28 -23.62 3.12
CA GLU E 69 -14.80 -22.60 4.06
C GLU E 69 -13.73 -21.52 4.29
N GLU E 70 -12.45 -21.88 4.08
CA GLU E 70 -11.25 -21.00 4.20
C GLU E 70 -10.54 -20.88 2.83
N LYS E 71 -11.28 -20.46 1.79
CA LYS E 71 -10.73 -19.93 0.50
C LYS E 71 -11.30 -18.53 0.23
N PHE E 72 -10.94 -17.95 -0.91
CA PHE E 72 -11.41 -16.65 -1.43
C PHE E 72 -10.75 -16.37 -2.78
N HIS E 73 -11.27 -15.38 -3.49
CA HIS E 73 -10.87 -14.97 -4.88
C HIS E 73 -9.79 -13.90 -4.74
N SER E 74 -8.51 -14.24 -4.60
CA SER E 74 -7.45 -13.26 -4.23
C SER E 74 -7.01 -12.44 -5.44
N GLU E 75 -7.71 -12.58 -6.56
CA GLU E 75 -7.46 -11.76 -7.76
C GLU E 75 -5.94 -11.60 -7.86
N CYS E 76 -5.22 -12.70 -7.63
CA CYS E 76 -3.73 -12.75 -7.49
C CYS E 76 -3.14 -13.94 -8.26
N GLY E 77 -3.88 -15.05 -8.46
CA GLY E 77 -3.58 -16.04 -9.52
C GLY E 77 -3.57 -17.52 -9.10
N TRP E 78 -3.39 -17.84 -7.81
CA TRP E 78 -3.33 -19.25 -7.34
C TRP E 78 -4.36 -19.46 -6.24
N PRO E 79 -4.63 -20.72 -5.85
CA PRO E 79 -5.58 -21.02 -4.77
C PRO E 79 -5.21 -20.25 -3.50
N SER E 80 -6.15 -19.52 -2.91
CA SER E 80 -5.83 -18.48 -1.90
C SER E 80 -6.63 -18.71 -0.62
N PHE E 81 -6.02 -19.30 0.42
CA PHE E 81 -6.68 -19.76 1.68
C PHE E 81 -6.24 -18.96 2.90
N SER E 82 -7.01 -19.04 3.99
CA SER E 82 -6.92 -18.16 5.20
C SER E 82 -6.13 -18.84 6.33
N LYS E 83 -6.32 -20.16 6.51
CA LYS E 83 -5.50 -21.04 7.39
C LYS E 83 -5.40 -22.44 6.78
N ALA E 84 -4.53 -23.27 7.35
CA ALA E 84 -4.39 -24.72 7.04
C ALA E 84 -5.64 -25.47 7.55
N LEU E 85 -5.95 -26.63 6.97
CA LEU E 85 -7.09 -27.48 7.41
C LEU E 85 -6.88 -27.91 8.87
N ASP E 86 -5.86 -28.73 9.16
CA ASP E 86 -5.58 -29.16 10.54
C ASP E 86 -4.29 -28.49 11.01
N ASP E 87 -4.32 -28.05 12.28
CA ASP E 87 -3.33 -27.21 13.01
C ASP E 87 -1.94 -27.26 12.35
N ASP E 88 -1.36 -28.46 12.23
CA ASP E 88 0.09 -28.67 11.93
C ASP E 88 0.26 -29.61 10.73
N GLU E 89 -0.72 -29.65 9.83
CA GLU E 89 -0.71 -30.45 8.57
C GLU E 89 0.41 -29.98 7.63
N ILE E 90 1.05 -28.85 7.96
CA ILE E 90 1.97 -28.09 7.08
C ILE E 90 3.30 -27.91 7.80
N ILE E 91 4.30 -27.44 7.07
CA ILE E 91 5.58 -26.90 7.64
C ILE E 91 5.95 -25.61 6.87
N GLU E 92 6.46 -24.64 7.63
CA GLU E 92 6.77 -23.27 7.17
C GLU E 92 8.28 -23.07 7.29
N LEU E 93 8.93 -22.65 6.20
CA LEU E 93 10.41 -22.48 6.11
C LEU E 93 10.73 -21.11 5.55
N VAL E 94 11.85 -20.52 5.98
CA VAL E 94 12.37 -19.24 5.41
C VAL E 94 12.85 -19.52 3.98
N ASP E 95 12.19 -18.94 2.98
CA ASP E 95 12.60 -19.06 1.56
C ASP E 95 13.30 -17.75 1.18
N LYS E 96 14.65 -17.79 1.13
CA LYS E 96 15.54 -16.72 0.60
C LYS E 96 15.54 -16.73 -0.94
N SER E 97 14.78 -17.63 -1.57
CA SER E 97 14.65 -17.77 -3.05
C SER E 97 14.65 -16.37 -3.68
N PHE E 98 15.58 -16.13 -4.60
CA PHE E 98 15.63 -14.97 -5.54
C PHE E 98 15.86 -13.67 -4.76
N GLY E 99 16.65 -13.70 -3.69
CA GLY E 99 17.04 -12.48 -2.94
C GLY E 99 15.82 -11.80 -2.34
N MET E 100 15.05 -12.60 -1.63
CA MET E 100 13.65 -12.29 -1.30
C MET E 100 13.25 -13.26 -0.21
N VAL E 101 13.34 -12.85 1.06
CA VAL E 101 12.83 -13.66 2.20
C VAL E 101 11.30 -13.68 2.08
N ARG E 102 10.75 -14.83 1.79
CA ARG E 102 9.30 -15.09 1.89
C ARG E 102 9.23 -16.43 2.61
N THR E 103 8.00 -16.87 2.89
CA THR E 103 7.78 -18.11 3.65
C THR E 103 7.38 -19.23 2.68
N GLU E 104 8.28 -20.18 2.48
CA GLU E 104 8.00 -21.35 1.61
C GLU E 104 7.13 -22.30 2.44
N VAL E 105 6.28 -23.10 1.78
CA VAL E 105 5.34 -23.97 2.55
C VAL E 105 5.28 -25.36 1.93
N ARG E 106 5.58 -26.39 2.73
CA ARG E 106 5.49 -27.79 2.26
C ARG E 106 4.52 -28.50 3.20
N SER E 107 4.20 -29.78 2.96
CA SER E 107 3.25 -30.59 3.78
C SER E 107 4.04 -31.36 4.85
N GLU E 108 3.43 -31.50 6.04
CA GLU E 108 3.95 -32.30 7.19
C GLU E 108 4.12 -33.79 6.81
N GLU E 109 3.29 -34.28 5.88
CA GLU E 109 3.32 -35.66 5.33
C GLU E 109 4.45 -35.81 4.30
N SER E 110 4.31 -35.19 3.11
CA SER E 110 5.15 -35.43 1.91
C SER E 110 6.33 -34.44 1.78
N ASN E 111 6.36 -33.33 2.54
CA ASN E 111 7.38 -32.23 2.45
C ASN E 111 7.44 -31.75 0.99
N SER E 112 6.28 -31.78 0.30
CA SER E 112 6.08 -31.43 -1.12
C SER E 112 5.79 -29.92 -1.24
N HIS E 113 6.64 -29.18 -1.95
CA HIS E 113 6.50 -27.70 -2.10
C HIS E 113 5.08 -27.37 -2.56
N LEU E 114 4.23 -26.88 -1.65
CA LEU E 114 2.83 -26.42 -1.89
C LEU E 114 2.80 -24.97 -2.39
N GLY E 115 3.48 -24.07 -1.67
CA GLY E 115 3.68 -22.67 -2.10
C GLY E 115 4.27 -21.84 -0.99
N HIS E 116 3.66 -20.70 -0.69
CA HIS E 116 4.08 -19.73 0.35
C HIS E 116 2.86 -19.15 1.07
N VAL E 117 3.10 -18.54 2.23
CA VAL E 117 2.09 -17.87 3.08
C VAL E 117 2.51 -16.41 3.26
N PHE E 118 1.53 -15.51 3.47
CA PHE E 118 1.71 -14.02 3.55
C PHE E 118 0.83 -13.44 4.68
N ASN E 119 0.89 -12.13 4.85
CA ASN E 119 0.19 -11.38 5.93
C ASN E 119 -0.74 -10.34 5.32
N ASP E 120 -1.13 -10.52 4.05
CA ASP E 120 -1.94 -9.55 3.28
C ASP E 120 -3.42 -10.00 3.25
N GLY E 121 -3.65 -11.31 3.40
CA GLY E 121 -4.97 -11.94 3.30
C GLY E 121 -6.03 -11.27 4.17
N PRO E 122 -7.32 -11.61 3.96
CA PRO E 122 -8.44 -10.86 4.54
C PRO E 122 -8.38 -10.90 6.08
N LYS E 123 -8.50 -9.74 6.72
CA LYS E 123 -8.22 -9.52 8.16
C LYS E 123 -9.30 -10.22 9.02
N GLU E 124 -10.53 -10.32 8.49
CA GLU E 124 -11.72 -10.76 9.27
C GLU E 124 -11.69 -12.27 9.50
N SER E 125 -10.75 -12.99 8.86
CA SER E 125 -10.39 -14.37 9.28
C SER E 125 -9.27 -14.30 10.33
N GLY E 126 -8.16 -13.62 10.01
CA GLY E 126 -6.91 -13.62 10.79
C GLY E 126 -5.66 -13.50 9.92
N GLY E 127 -5.65 -12.52 9.01
CA GLY E 127 -4.44 -11.90 8.42
C GLY E 127 -3.87 -12.66 7.23
N LEU E 128 -3.92 -13.98 7.23
CA LEU E 128 -3.00 -14.82 6.41
C LEU E 128 -3.61 -15.21 5.07
N ARG E 129 -2.76 -15.27 4.04
CA ARG E 129 -3.08 -15.80 2.69
C ARG E 129 -2.00 -16.84 2.37
N TYR E 130 -2.36 -18.12 2.47
CA TYR E 130 -1.54 -19.25 1.99
C TYR E 130 -1.71 -19.43 0.47
N CYS E 131 -0.97 -18.68 -0.32
CA CYS E 131 -1.06 -18.72 -1.80
C CYS E 131 -0.40 -20.02 -2.29
N ILE E 132 -1.20 -21.09 -2.43
CA ILE E 132 -0.78 -22.52 -2.59
C ILE E 132 -0.94 -22.98 -4.06
N ASN E 133 0.17 -23.39 -4.71
CA ASN E 133 0.19 -23.96 -6.10
C ASN E 133 -0.87 -25.04 -6.19
N SER E 134 -1.80 -24.99 -7.15
CA SER E 134 -2.87 -26.02 -7.34
C SER E 134 -2.28 -27.38 -7.75
N ALA E 135 -1.15 -27.42 -8.46
CA ALA E 135 -0.49 -28.65 -8.96
C ALA E 135 -0.21 -29.67 -7.84
N ALA E 136 -0.01 -29.23 -6.60
CA ALA E 136 0.24 -30.08 -5.42
C ALA E 136 -1.02 -30.15 -4.56
N ILE E 137 -2.16 -30.41 -5.19
CA ILE E 137 -3.48 -30.41 -4.49
C ILE E 137 -4.44 -31.35 -5.23
N GLN E 138 -5.40 -31.91 -4.50
CA GLN E 138 -6.53 -32.62 -5.13
C GLN E 138 -7.81 -32.33 -4.34
N PHE E 139 -8.84 -31.86 -5.05
CA PHE E 139 -10.20 -31.67 -4.51
C PHE E 139 -10.82 -33.04 -4.31
N ILE E 140 -11.55 -33.20 -3.23
CA ILE E 140 -12.35 -34.42 -2.90
C ILE E 140 -13.70 -33.91 -2.42
N PRO E 141 -14.73 -33.89 -3.30
CA PRO E 141 -16.02 -33.27 -2.95
C PRO E 141 -16.62 -33.79 -1.64
N TYR E 142 -17.44 -32.95 -0.97
CA TYR E 142 -18.19 -33.28 0.28
C TYR E 142 -18.92 -34.62 0.13
N GLU E 143 -19.46 -34.86 -1.07
CA GLU E 143 -20.17 -36.11 -1.46
C GLU E 143 -19.15 -37.11 -2.02
N LYS E 144 -17.95 -37.18 -1.41
CA LYS E 144 -16.97 -38.29 -1.59
C LYS E 144 -16.12 -38.48 -0.31
N LEU E 145 -16.57 -37.91 0.83
CA LEU E 145 -15.77 -37.78 2.09
C LEU E 145 -15.68 -39.13 2.82
N GLU E 146 -16.77 -39.56 3.48
CA GLU E 146 -16.87 -40.86 4.21
C GLU E 146 -16.80 -42.03 3.22
N GLU E 147 -16.64 -41.72 1.93
CA GLU E 147 -16.63 -42.71 0.82
C GLU E 147 -15.19 -43.13 0.56
N LEU E 148 -14.26 -42.16 0.45
CA LEU E 148 -12.82 -42.40 0.18
C LEU E 148 -12.03 -42.47 1.51
N GLY E 149 -12.73 -42.37 2.65
CA GLY E 149 -12.15 -42.55 4.00
C GLY E 149 -12.05 -41.24 4.77
N TYR E 150 -11.80 -40.13 4.06
CA TYR E 150 -11.72 -38.75 4.64
C TYR E 150 -13.11 -38.31 5.08
N GLY E 151 -13.64 -38.91 6.15
CA GLY E 151 -14.94 -38.55 6.75
C GLY E 151 -14.73 -37.85 8.08
N ASP E 152 -14.65 -38.65 9.16
CA ASP E 152 -14.46 -38.22 10.58
C ASP E 152 -14.76 -36.72 10.71
N LEU E 153 -13.72 -35.88 10.77
CA LEU E 153 -13.84 -34.45 11.16
C LEU E 153 -14.39 -33.65 9.97
N ILE E 154 -15.55 -34.05 9.41
CA ILE E 154 -16.37 -33.22 8.47
C ILE E 154 -16.97 -32.06 9.28
N SER E 155 -17.12 -32.31 10.60
CA SER E 155 -17.42 -31.33 11.68
C SER E 155 -16.91 -29.95 11.27
N HIS E 156 -17.64 -29.27 10.37
CA HIS E 156 -17.39 -27.87 10.02
C HIS E 156 -18.58 -27.05 10.51
N PHE E 157 -18.37 -26.29 11.58
CA PHE E 157 -19.35 -25.40 12.26
C PHE E 157 -20.32 -24.84 11.21
N ASP E 158 -21.43 -25.56 10.97
CA ASP E 158 -22.46 -25.31 9.91
C ASP E 158 -22.08 -24.10 9.04
N ASP F 22 -2.62 11.38 41.34
CA ASP F 22 -2.07 10.23 40.56
C ASP F 22 -1.15 10.79 39.46
N LYS F 23 0.12 11.04 39.79
CA LYS F 23 1.14 11.55 38.82
C LYS F 23 2.54 11.47 39.47
N SER F 24 2.74 10.54 40.41
CA SER F 24 3.90 10.53 41.35
C SER F 24 4.46 9.13 41.62
N GLU F 25 3.65 8.06 41.66
CA GLU F 25 4.12 6.70 42.12
C GLU F 25 3.86 5.63 41.05
N LEU F 26 3.98 5.96 39.75
CA LEU F 26 3.60 5.08 38.59
C LEU F 26 4.86 4.56 37.87
N THR F 27 4.69 3.56 36.98
CA THR F 27 5.81 2.95 36.19
C THR F 27 6.57 4.09 35.53
N ASP F 28 7.85 3.90 35.22
CA ASP F 28 8.66 4.91 34.50
C ASP F 28 8.15 5.02 33.05
N ILE F 29 7.62 3.91 32.48
CA ILE F 29 7.04 3.84 31.09
C ILE F 29 5.80 4.74 30.97
N GLU F 30 4.85 4.57 31.89
CA GLU F 30 3.58 5.33 31.98
C GLU F 30 3.86 6.83 32.01
N TYR F 31 4.87 7.23 32.78
CA TYR F 31 5.33 8.64 32.92
C TYR F 31 5.92 9.09 31.59
N ILE F 32 6.83 8.31 31.03
CA ILE F 32 7.46 8.58 29.70
C ILE F 32 6.37 8.69 28.63
N VAL F 33 5.40 7.76 28.60
CA VAL F 33 4.27 7.76 27.61
C VAL F 33 3.50 9.08 27.69
N THR F 34 2.91 9.33 28.85
CA THR F 34 1.88 10.37 29.09
C THR F 34 2.52 11.76 29.10
N GLN F 35 3.23 12.13 30.16
CA GLN F 35 3.61 13.55 30.38
C GLN F 35 4.68 13.95 29.35
N GLU F 36 5.55 13.00 28.96
CA GLU F 36 6.71 13.24 28.07
C GLU F 36 6.36 12.90 26.60
N ASN F 37 5.18 12.33 26.33
CA ASN F 37 4.71 12.01 24.95
C ASN F 37 5.50 10.82 24.41
N GLY F 38 5.79 9.84 25.27
CA GLY F 38 6.49 8.60 24.91
C GLY F 38 5.60 7.55 24.24
N THR F 39 6.23 6.57 23.59
CA THR F 39 5.63 5.32 23.10
C THR F 39 6.20 4.13 23.87
N GLU F 40 5.33 3.16 24.18
CA GLU F 40 5.64 1.84 24.77
C GLU F 40 5.82 0.86 23.62
N PRO F 41 6.71 -0.16 23.77
CA PRO F 41 6.98 -1.09 22.68
C PRO F 41 5.69 -1.75 22.24
N PRO F 42 5.59 -2.19 20.97
CA PRO F 42 4.40 -2.90 20.50
C PRO F 42 4.31 -4.31 21.07
N PHE F 43 3.09 -4.85 21.08
CA PHE F 43 2.73 -6.24 21.48
C PHE F 43 2.99 -6.41 22.98
N MET F 44 4.23 -6.27 23.42
CA MET F 44 4.66 -6.17 24.85
C MET F 44 3.48 -5.87 25.78
N ASN F 45 2.70 -4.82 25.50
CA ASN F 45 1.61 -4.24 26.36
C ASN F 45 0.44 -5.20 26.50
N GLU F 46 -0.40 -5.01 27.53
CA GLU F 46 -1.50 -5.94 27.88
C GLU F 46 -2.67 -5.76 26.90
N TYR F 47 -2.98 -4.53 26.45
CA TYR F 47 -4.30 -4.21 25.85
C TYR F 47 -4.37 -4.49 24.34
N TRP F 48 -3.23 -4.58 23.63
CA TRP F 48 -3.20 -4.84 22.16
C TRP F 48 -4.32 -5.83 21.80
N ASN F 49 -4.16 -7.10 22.20
CA ASN F 49 -5.06 -8.23 21.82
C ASN F 49 -6.10 -8.47 22.90
N HIS F 50 -5.80 -8.12 24.16
CA HIS F 50 -6.79 -8.06 25.27
C HIS F 50 -8.07 -7.43 24.75
N PHE F 51 -9.07 -8.27 24.47
CA PHE F 51 -10.47 -7.87 24.22
C PHE F 51 -11.27 -8.44 25.39
N ALA F 52 -11.87 -7.57 26.19
CA ALA F 52 -12.43 -7.90 27.52
C ALA F 52 -13.44 -6.82 27.89
N LYS F 53 -14.71 -7.20 27.98
CA LYS F 53 -15.85 -6.28 28.28
C LYS F 53 -15.49 -5.31 29.39
N GLY F 54 -15.49 -4.01 29.07
CA GLY F 54 -15.16 -2.94 30.02
C GLY F 54 -14.94 -1.63 29.27
N ILE F 55 -14.44 -0.60 29.97
CA ILE F 55 -14.18 0.72 29.33
C ILE F 55 -12.73 1.14 29.63
N TYR F 56 -12.13 1.92 28.73
CA TYR F 56 -10.73 2.41 28.89
C TYR F 56 -10.75 3.87 29.34
N VAL F 57 -10.06 4.15 30.44
CA VAL F 57 -10.12 5.50 31.07
C VAL F 57 -8.69 6.00 31.22
N ASP F 58 -8.52 7.31 31.32
CA ASP F 58 -7.21 7.96 31.55
C ASP F 58 -6.71 7.50 32.92
N LYS F 59 -5.54 6.86 32.96
CA LYS F 59 -4.87 6.41 34.21
C LYS F 59 -4.66 7.60 35.15
N ILE F 60 -4.37 8.80 34.61
CA ILE F 60 -4.03 10.02 35.40
C ILE F 60 -5.31 10.57 36.04
N SER F 61 -6.29 10.93 35.20
CA SER F 61 -7.55 11.66 35.59
C SER F 61 -8.77 10.72 35.58
N GLY F 62 -8.55 9.39 35.68
CA GLY F 62 -9.59 8.36 35.78
C GLY F 62 -10.65 8.41 34.68
N LYS F 63 -10.62 9.41 33.78
CA LYS F 63 -11.77 9.90 32.97
C LYS F 63 -12.07 8.93 31.82
N PRO F 64 -13.35 8.51 31.57
CA PRO F 64 -13.66 7.51 30.55
C PRO F 64 -13.17 7.91 29.16
N LEU F 65 -12.34 7.08 28.51
CA LEU F 65 -11.71 7.41 27.20
C LEU F 65 -12.36 6.60 26.07
N PHE F 66 -12.37 5.26 26.14
CA PHE F 66 -12.92 4.36 25.08
C PHE F 66 -13.79 3.22 25.64
N THR F 67 -14.14 2.29 24.74
CA THR F 67 -15.22 1.29 24.91
C THR F 67 -14.84 -0.01 24.22
N SER F 68 -14.79 -1.11 25.00
CA SER F 68 -14.40 -2.47 24.55
C SER F 68 -15.08 -2.88 23.24
N GLU F 69 -16.12 -2.17 22.79
CA GLU F 69 -16.99 -2.61 21.65
C GLU F 69 -16.54 -1.95 20.34
N GLU F 70 -15.65 -0.96 20.42
CA GLU F 70 -15.00 -0.31 19.24
C GLU F 70 -13.60 -0.93 19.06
N LYS F 71 -12.80 -0.97 20.13
CA LYS F 71 -11.49 -1.69 20.21
C LYS F 71 -11.55 -2.92 19.30
N PHE F 72 -10.80 -2.87 18.20
CA PHE F 72 -10.61 -3.98 17.24
C PHE F 72 -9.11 -4.31 17.22
N HIS F 73 -8.64 -4.87 16.10
CA HIS F 73 -7.23 -5.32 15.91
C HIS F 73 -6.78 -4.95 14.48
N SER F 74 -5.70 -4.17 14.37
CA SER F 74 -4.99 -3.86 13.09
C SER F 74 -3.64 -4.62 13.05
N GLU F 75 -3.26 -5.24 14.18
CA GLU F 75 -2.02 -6.05 14.37
C GLU F 75 -0.80 -5.12 14.26
N CYS F 76 -1.04 -3.80 14.30
CA CYS F 76 0.00 -2.73 14.30
C CYS F 76 0.66 -2.67 15.67
N GLY F 77 0.25 -3.55 16.59
CA GLY F 77 0.98 -3.89 17.83
C GLY F 77 0.44 -3.14 19.02
N TRP F 78 -0.61 -2.35 18.82
CA TRP F 78 -1.27 -1.55 19.87
C TRP F 78 -2.78 -1.66 19.70
N PRO F 79 -3.55 -1.34 20.77
CA PRO F 79 -4.99 -1.48 20.75
C PRO F 79 -5.45 -0.47 19.71
N SER F 80 -6.30 -0.91 18.78
CA SER F 80 -6.95 -0.01 17.80
C SER F 80 -8.41 0.21 18.23
N PHE F 81 -8.88 1.46 18.08
CA PHE F 81 -10.24 1.93 18.42
C PHE F 81 -10.73 2.83 17.29
N SER F 82 -11.82 2.42 16.64
CA SER F 82 -12.42 3.09 15.46
C SER F 82 -13.10 4.40 15.87
N LYS F 83 -13.66 4.44 17.09
CA LYS F 83 -14.53 5.55 17.59
C LYS F 83 -14.17 5.82 19.05
N ALA F 84 -13.92 7.09 19.41
CA ALA F 84 -13.73 7.55 20.81
C ALA F 84 -15.08 7.49 21.53
N LEU F 85 -15.09 6.96 22.77
CA LEU F 85 -16.29 6.92 23.64
C LEU F 85 -17.04 8.23 23.45
N ASP F 86 -16.35 9.35 23.75
CA ASP F 86 -16.89 10.74 23.73
C ASP F 86 -15.77 11.70 23.31
N ASP F 87 -16.06 12.62 22.40
CA ASP F 87 -15.02 13.45 21.71
C ASP F 87 -14.66 14.67 22.54
N ASP F 88 -15.41 14.95 23.60
CA ASP F 88 -15.02 15.99 24.59
C ASP F 88 -13.83 15.43 25.38
N GLU F 89 -13.70 14.10 25.46
CA GLU F 89 -12.72 13.39 26.35
C GLU F 89 -11.31 13.50 25.76
N ILE F 90 -11.18 13.49 24.43
CA ILE F 90 -9.88 13.60 23.70
C ILE F 90 -9.69 15.03 23.18
N ILE F 91 -8.43 15.35 22.82
CA ILE F 91 -8.05 16.52 21.98
C ILE F 91 -7.02 16.01 20.98
N GLU F 92 -7.05 16.54 19.76
CA GLU F 92 -6.24 16.05 18.62
C GLU F 92 -5.37 17.19 18.10
N LEU F 93 -4.06 17.10 18.31
CA LEU F 93 -3.11 18.09 17.77
C LEU F 93 -2.42 17.49 16.56
N VAL F 94 -1.97 18.38 15.67
CA VAL F 94 -0.95 18.05 14.65
C VAL F 94 0.33 17.71 15.40
N ASP F 95 0.99 16.61 15.02
CA ASP F 95 2.34 16.21 15.49
C ASP F 95 3.30 16.25 14.29
N LYS F 96 4.41 16.97 14.41
CA LYS F 96 5.45 17.02 13.36
C LYS F 96 6.69 16.26 13.83
N SER F 97 6.59 15.54 14.95
CA SER F 97 7.61 14.56 15.42
C SER F 97 8.20 13.84 14.21
N PHE F 98 9.53 13.70 14.19
CA PHE F 98 10.34 12.94 13.20
C PHE F 98 9.84 13.15 11.78
N GLY F 99 9.81 14.41 11.32
CA GLY F 99 9.50 14.80 9.94
C GLY F 99 8.28 14.08 9.41
N MET F 100 7.21 14.12 10.20
CA MET F 100 5.93 13.45 9.87
C MET F 100 4.81 14.36 10.32
N VAL F 101 3.70 14.32 9.60
CA VAL F 101 2.46 15.02 10.01
C VAL F 101 1.48 13.94 10.45
N ARG F 102 1.38 13.70 11.75
CA ARG F 102 0.36 12.77 12.34
C ARG F 102 -0.65 13.60 13.13
N THR F 103 -1.68 12.94 13.66
CA THR F 103 -2.66 13.55 14.59
C THR F 103 -2.50 12.89 15.97
N GLU F 104 -1.82 13.61 16.88
CA GLU F 104 -1.66 13.24 18.30
C GLU F 104 -3.04 13.19 18.94
N VAL F 105 -3.31 12.13 19.69
CA VAL F 105 -4.47 12.03 20.60
C VAL F 105 -3.96 12.25 22.03
N ARG F 106 -4.66 13.11 22.80
CA ARG F 106 -4.34 13.50 24.21
C ARG F 106 -5.64 13.60 25.02
N SER F 107 -5.59 13.32 26.33
CA SER F 107 -6.75 13.42 27.24
C SER F 107 -7.14 14.90 27.39
N GLU F 108 -8.44 15.23 27.42
CA GLU F 108 -8.89 16.63 27.69
C GLU F 108 -8.40 16.98 29.10
N GLU F 109 -8.94 16.29 30.11
CA GLU F 109 -8.74 16.58 31.55
C GLU F 109 -7.25 16.40 31.89
N SER F 110 -6.77 15.15 31.87
CA SER F 110 -5.40 14.76 32.32
C SER F 110 -4.31 15.43 31.45
N ASN F 111 -4.58 15.60 30.16
CA ASN F 111 -3.62 16.07 29.14
C ASN F 111 -2.34 15.23 29.18
N SER F 112 -2.45 13.96 29.58
CA SER F 112 -1.44 12.91 29.24
C SER F 112 -1.56 12.61 27.73
N HIS F 113 -0.43 12.29 27.10
CA HIS F 113 -0.36 11.80 25.71
C HIS F 113 -0.77 10.33 25.70
N LEU F 114 -1.75 9.99 24.86
CA LEU F 114 -2.32 8.63 24.75
C LEU F 114 -1.69 7.89 23.56
N GLY F 115 -1.76 8.48 22.35
CA GLY F 115 -1.44 7.82 21.07
C GLY F 115 -1.66 8.75 19.87
N HIS F 116 -2.10 8.18 18.74
CA HIS F 116 -2.42 8.93 17.48
C HIS F 116 -3.60 8.30 16.74
N VAL F 117 -4.00 8.89 15.60
CA VAL F 117 -5.24 8.51 14.86
C VAL F 117 -4.99 8.60 13.35
N PHE F 118 -5.45 7.60 12.60
CA PHE F 118 -5.18 7.44 11.15
C PHE F 118 -6.50 7.22 10.38
N ASN F 119 -6.44 6.92 9.07
CA ASN F 119 -7.66 6.73 8.25
C ASN F 119 -7.67 5.35 7.60
N ASP F 120 -7.02 4.39 8.26
CA ASP F 120 -6.79 3.01 7.75
C ASP F 120 -7.59 2.04 8.63
N GLY F 121 -8.50 2.58 9.44
CA GLY F 121 -9.56 1.81 10.08
C GLY F 121 -10.51 1.24 9.02
N PRO F 122 -11.27 0.18 9.35
CA PRO F 122 -12.29 -0.33 8.45
C PRO F 122 -13.31 0.76 8.09
N LYS F 123 -13.53 0.99 6.80
CA LYS F 123 -14.53 1.97 6.27
C LYS F 123 -15.92 1.61 6.78
N GLU F 124 -16.03 0.48 7.50
CA GLU F 124 -17.29 -0.16 7.96
C GLU F 124 -17.41 0.00 9.49
N SER F 125 -16.45 0.67 10.13
CA SER F 125 -16.50 1.16 11.53
C SER F 125 -16.55 2.69 11.53
N GLY F 126 -16.42 3.31 10.35
CA GLY F 126 -16.04 4.73 10.19
C GLY F 126 -14.55 4.89 9.92
N GLY F 127 -14.01 4.11 8.99
CA GLY F 127 -12.65 4.20 8.39
C GLY F 127 -11.64 4.98 9.21
N LEU F 128 -11.51 4.71 10.52
CA LEU F 128 -10.61 5.43 11.46
C LEU F 128 -9.99 4.46 12.42
N ARG F 129 -8.78 4.79 12.88
CA ARG F 129 -8.00 3.99 13.86
C ARG F 129 -7.33 4.94 14.85
N TYR F 130 -7.62 4.72 16.15
CA TYR F 130 -6.87 5.33 17.28
C TYR F 130 -5.89 4.28 17.82
N CYS F 131 -4.59 4.44 17.53
CA CYS F 131 -3.47 3.66 18.14
C CYS F 131 -3.08 4.33 19.47
N ILE F 132 -3.39 3.65 20.59
CA ILE F 132 -3.31 4.19 21.97
C ILE F 132 -2.31 3.35 22.78
N ASN F 133 -1.41 3.98 23.54
CA ASN F 133 -0.55 3.26 24.51
C ASN F 133 -1.49 2.68 25.58
N SER F 134 -1.34 1.40 25.92
CA SER F 134 -2.01 0.77 27.08
C SER F 134 -1.58 1.51 28.36
N ALA F 135 -0.32 1.95 28.44
CA ALA F 135 0.29 2.61 29.62
C ALA F 135 -0.23 4.05 29.82
N ALA F 136 -1.15 4.54 28.99
CA ALA F 136 -1.79 5.87 29.15
C ALA F 136 -3.28 5.69 29.47
N ILE F 137 -3.80 4.48 29.26
CA ILE F 137 -5.19 4.07 29.59
C ILE F 137 -5.17 3.39 30.97
N GLN F 138 -6.34 3.18 31.58
CA GLN F 138 -6.56 2.17 32.65
C GLN F 138 -7.94 1.51 32.44
N PHE F 139 -7.97 0.36 31.75
CA PHE F 139 -9.18 -0.45 31.45
C PHE F 139 -9.82 -0.91 32.73
N ILE F 140 -11.17 -0.83 32.85
CA ILE F 140 -12.01 -1.43 33.93
C ILE F 140 -13.00 -2.38 33.27
N PRO F 141 -13.24 -3.59 33.83
CA PRO F 141 -14.19 -4.53 33.24
C PRO F 141 -15.66 -4.08 33.38
N TYR F 142 -16.52 -4.61 32.49
CA TYR F 142 -17.96 -4.27 32.40
C TYR F 142 -18.63 -4.45 33.76
N GLU F 143 -18.30 -5.58 34.39
CA GLU F 143 -18.98 -6.18 35.56
C GLU F 143 -18.26 -5.73 36.84
N LYS F 144 -17.77 -4.49 36.85
CA LYS F 144 -17.36 -3.75 38.07
C LYS F 144 -17.48 -2.24 37.81
N LEU F 145 -18.38 -1.87 36.91
CA LEU F 145 -18.53 -0.45 36.49
C LEU F 145 -19.24 0.31 37.60
N GLU F 146 -20.39 -0.22 38.05
CA GLU F 146 -21.19 0.32 39.18
C GLU F 146 -20.30 0.42 40.43
N GLU F 147 -19.55 -0.65 40.75
CA GLU F 147 -18.66 -0.75 41.94
C GLU F 147 -17.76 0.50 42.02
N LEU F 148 -17.07 0.83 40.92
CA LEU F 148 -15.99 1.85 40.88
C LEU F 148 -16.52 3.22 40.40
N GLY F 149 -17.83 3.48 40.55
CA GLY F 149 -18.47 4.80 40.34
C GLY F 149 -18.58 5.19 38.87
N TYR F 150 -19.00 4.26 38.01
CA TYR F 150 -19.22 4.46 36.55
C TYR F 150 -20.59 3.90 36.15
N GLY F 151 -21.48 3.63 37.10
CA GLY F 151 -22.83 3.08 36.82
C GLY F 151 -23.60 3.94 35.83
N ASP F 152 -23.20 5.20 35.69
CA ASP F 152 -23.68 6.13 34.65
C ASP F 152 -23.09 5.71 33.31
N LEU F 153 -21.79 5.42 33.26
CA LEU F 153 -21.14 4.73 32.12
C LEU F 153 -21.47 3.23 32.19
N ILE F 154 -22.66 2.78 31.79
CA ILE F 154 -22.98 1.32 31.67
C ILE F 154 -23.83 1.05 30.42
N SER F 155 -24.86 1.85 30.15
CA SER F 155 -25.75 1.80 28.96
C SER F 155 -25.48 0.59 28.06
N HIS F 156 -24.28 0.51 27.42
CA HIS F 156 -23.82 -0.68 26.64
C HIS F 156 -22.29 -0.81 26.69
#